data_4NTK
#
_entry.id   4NTK
#
_cell.length_a   58.070
_cell.length_b   112.595
_cell.length_c   115.094
_cell.angle_alpha   90.00
_cell.angle_beta   90.00
_cell.angle_gamma   90.00
#
_symmetry.space_group_name_H-M   'P 21 21 21'
#
loop_
_entity.id
_entity.type
_entity.pdbx_description
1 polymer '6-carboxy-5,6,7,8-tetrahydropterin synthase'
2 non-polymer 'ZINC ION'
3 non-polymer 2-amino-6-[(1Z)-1,2-dihydroxyprop-1-en-1-yl]-7,8-dihydropteridin-4(3H)-one
4 non-polymer 'ACETATE ION'
5 water water
#
_entity_poly.entity_id   1
_entity_poly.type   'polypeptide(L)'
_entity_poly.pdbx_seq_one_letter_code
;MMSTTLFKDFTFEAAHRLPHVPEGHKAGRLHGHSFMVRLEITGEVDPHTGWIIDFAELKAAFKPTYERLDHHYLNDIPGL
ENPTSEVLAKWIWDQVKPVVPLLSAVMVKETCTAGCIYRGE
;
_entity_poly.pdbx_strand_id   A,B,C,D,E,F
#
loop_
_chem_comp.id
_chem_comp.type
_chem_comp.name
_chem_comp.formula
ACT non-polymer 'ACETATE ION' 'C2 H3 O2 -1'
ZN non-polymer 'ZINC ION' 'Zn 2'
ZSP non-polymer 2-amino-6-[(1Z)-1,2-dihydroxyprop-1-en-1-yl]-7,8-dihydropteridin-4(3H)-one 'C9 H11 N5 O3'
#
# COMPACT_ATOMS: atom_id res chain seq x y z
N MET A 1 -0.91 -26.09 -11.81
CA MET A 1 -0.76 -26.28 -13.27
C MET A 1 0.41 -25.46 -13.79
N MET A 2 0.98 -25.86 -14.92
CA MET A 2 2.02 -25.05 -15.55
C MET A 2 1.34 -24.01 -16.41
N SER A 3 1.74 -22.75 -16.21
CA SER A 3 1.15 -21.66 -16.97
C SER A 3 2.00 -20.40 -16.90
N THR A 4 1.68 -19.46 -17.80
CA THR A 4 2.10 -18.07 -17.71
C THR A 4 0.90 -17.07 -17.79
N THR A 5 0.74 -16.23 -16.78
CA THR A 5 -0.42 -15.37 -16.63
C THR A 5 0.09 -13.93 -16.60
N LEU A 6 -0.64 -13.02 -17.21
CA LEU A 6 -0.37 -11.58 -17.12
C LEU A 6 -1.58 -10.94 -16.47
N PHE A 7 -1.34 -9.89 -15.66
CA PHE A 7 -2.46 -9.19 -15.07
C PHE A 7 -2.19 -7.69 -15.11
N LYS A 8 -3.26 -6.92 -15.17
CA LYS A 8 -3.15 -5.47 -15.08
C LYS A 8 -4.29 -4.93 -14.24
N ASP A 9 -3.97 -3.95 -13.38
CA ASP A 9 -4.94 -3.39 -12.46
C ASP A 9 -5.40 -1.99 -12.89
N PHE A 10 -6.68 -1.70 -12.65
CA PHE A 10 -7.33 -0.44 -12.99
C PHE A 10 -8.15 0.01 -11.82
N THR A 11 -8.30 1.32 -11.63
CA THR A 11 -9.16 1.85 -10.57
C THR A 11 -10.17 2.79 -11.19
N PHE A 12 -11.40 2.72 -10.73
CA PHE A 12 -12.43 3.64 -11.19
C PHE A 12 -13.26 4.11 -10.01
N GLU A 13 -13.77 5.33 -10.11
CA GLU A 13 -14.48 5.95 -9.03
C GLU A 13 -15.96 6.00 -9.40
N ALA A 14 -16.79 5.31 -8.60
CA ALA A 14 -18.22 5.23 -8.98
C ALA A 14 -19.17 5.19 -7.81
N ALA A 15 -20.43 5.55 -8.10
CA ALA A 15 -21.53 5.39 -7.13
C ALA A 15 -22.29 4.12 -7.42
N HIS A 16 -22.84 3.50 -6.35
CA HIS A 16 -23.77 2.40 -6.49
C HIS A 16 -24.66 2.34 -5.26
N ARG A 17 -25.68 1.52 -5.40
CA ARG A 17 -26.54 1.10 -4.27
C ARG A 17 -26.98 -0.30 -4.53
N LEU A 18 -27.21 -1.07 -3.46
CA LEU A 18 -27.69 -2.40 -3.60
C LEU A 18 -29.21 -2.41 -3.36
N PRO A 19 -29.97 -2.83 -4.36
CA PRO A 19 -31.44 -2.67 -4.29
C PRO A 19 -32.17 -3.79 -3.50
N HIS A 20 -31.52 -4.92 -3.22
CA HIS A 20 -32.20 -6.09 -2.62
C HIS A 20 -31.88 -6.35 -1.17
N VAL A 21 -31.12 -5.47 -0.53
CA VAL A 21 -30.73 -5.74 0.84
C VAL A 21 -31.85 -5.33 1.80
N PRO A 22 -31.79 -5.85 3.04
CA PRO A 22 -32.78 -5.45 4.05
C PRO A 22 -32.92 -3.93 4.26
N GLU A 23 -34.13 -3.46 4.55
CA GLU A 23 -34.33 -2.06 4.84
C GLU A 23 -33.36 -1.63 5.93
N GLY A 24 -32.67 -0.53 5.69
CA GLY A 24 -31.73 -0.01 6.68
C GLY A 24 -30.30 -0.51 6.54
N HIS A 25 -30.08 -1.60 5.78
CA HIS A 25 -28.70 -2.05 5.43
C HIS A 25 -27.94 -0.88 4.76
N LYS A 26 -26.69 -0.68 5.17
CA LYS A 26 -25.94 0.46 4.71
C LYS A 26 -25.71 0.43 3.20
N ALA A 27 -25.59 -0.77 2.63
CA ALA A 27 -25.37 -0.92 1.18
C ALA A 27 -26.57 -0.45 0.36
N GLY A 28 -27.75 -0.41 1.00
CA GLY A 28 -28.98 0.07 0.36
C GLY A 28 -29.10 1.57 0.15
N ARG A 29 -28.23 2.33 0.80
CA ARG A 29 -28.20 3.75 0.64
C ARG A 29 -27.29 4.07 -0.53
N LEU A 30 -27.60 5.15 -1.23
CA LEU A 30 -26.72 5.70 -2.29
C LEU A 30 -25.35 5.97 -1.66
N HIS A 31 -24.32 5.33 -2.19
CA HIS A 31 -22.95 5.57 -1.76
C HIS A 31 -22.02 5.29 -2.94
N GLY A 32 -20.74 5.08 -2.68
CA GLY A 32 -19.82 4.80 -3.75
C GLY A 32 -18.51 4.27 -3.20
N HIS A 33 -17.59 3.99 -4.12
CA HIS A 33 -16.30 3.35 -3.78
C HIS A 33 -15.26 3.75 -4.82
N SER A 34 -14.00 3.57 -4.43
CA SER A 34 -12.88 3.54 -5.36
C SER A 34 -12.69 2.06 -5.73
N PHE A 35 -13.29 1.65 -6.84
CA PHE A 35 -13.27 0.24 -7.24
C PHE A 35 -11.94 -0.10 -7.91
N MET A 36 -11.44 -1.28 -7.64
CA MET A 36 -10.27 -1.81 -8.36
C MET A 36 -10.69 -3.05 -9.16
N VAL A 37 -10.27 -3.08 -10.42
CA VAL A 37 -10.44 -4.22 -11.33
C VAL A 37 -9.10 -4.75 -11.74
N ARG A 38 -8.93 -6.06 -11.65
CA ARG A 38 -7.74 -6.73 -12.18
C ARG A 38 -8.17 -7.67 -13.28
N LEU A 39 -7.59 -7.47 -14.45
CA LEU A 39 -7.86 -8.38 -15.60
C LEU A 39 -6.66 -9.34 -15.66
N GLU A 40 -6.90 -10.64 -15.71
CA GLU A 40 -5.81 -11.64 -15.90
C GLU A 40 -6.04 -12.39 -17.19
N ILE A 41 -4.95 -12.65 -17.90
CA ILE A 41 -5.02 -13.42 -19.13
C ILE A 41 -4.00 -14.54 -18.97
N THR A 42 -4.25 -15.68 -19.58
CA THR A 42 -3.34 -16.81 -19.57
C THR A 42 -3.02 -17.21 -21.03
N GLY A 43 -1.75 -17.32 -21.34
CA GLY A 43 -1.36 -17.73 -22.71
C GLY A 43 0.09 -18.09 -22.85
N GLU A 44 0.49 -18.27 -24.10
CA GLU A 44 1.90 -18.55 -24.41
C GLU A 44 2.66 -17.28 -24.76
N VAL A 45 3.94 -17.26 -24.38
CA VAL A 45 4.79 -16.13 -24.63
C VAL A 45 5.44 -16.29 -26.04
N ASP A 46 5.24 -15.31 -26.90
CA ASP A 46 5.86 -15.31 -28.22
C ASP A 46 7.36 -15.15 -28.05
N PRO A 47 8.17 -16.00 -28.73
CA PRO A 47 9.62 -15.93 -28.57
C PRO A 47 10.23 -14.64 -29.08
N HIS A 48 9.62 -13.96 -30.05
CA HIS A 48 10.20 -12.70 -30.54
C HIS A 48 9.82 -11.50 -29.66
N THR A 49 8.54 -11.39 -29.34
CA THR A 49 8.12 -10.24 -28.53
C THR A 49 8.58 -10.40 -27.08
N GLY A 50 8.67 -11.65 -26.61
CA GLY A 50 8.93 -11.95 -25.21
C GLY A 50 7.72 -11.68 -24.33
N TRP A 51 6.54 -11.54 -24.92
CA TRP A 51 5.36 -11.34 -24.08
C TRP A 51 4.15 -12.06 -24.61
N ILE A 52 3.08 -12.12 -23.81
CA ILE A 52 1.81 -12.68 -24.26
C ILE A 52 1.13 -11.62 -25.13
N ILE A 53 0.80 -10.48 -24.54
CA ILE A 53 0.39 -9.29 -25.29
C ILE A 53 0.95 -8.12 -24.49
N ASP A 54 1.14 -6.97 -25.11
CA ASP A 54 1.61 -5.76 -24.42
C ASP A 54 0.61 -5.37 -23.35
N PHE A 55 1.08 -5.04 -22.15
CA PHE A 55 0.15 -4.50 -21.11
C PHE A 55 -0.71 -3.40 -21.70
N ALA A 56 -0.14 -2.57 -22.57
CA ALA A 56 -0.91 -1.48 -23.14
C ALA A 56 -2.08 -1.95 -24.01
N GLU A 57 -1.98 -3.13 -24.62
CA GLU A 57 -3.07 -3.67 -25.46
C GLU A 57 -4.22 -4.09 -24.55
N LEU A 58 -3.87 -4.61 -23.37
CA LEU A 58 -4.89 -4.94 -22.40
C LEU A 58 -5.61 -3.68 -21.96
N LYS A 59 -4.85 -2.65 -21.60
CA LYS A 59 -5.44 -1.38 -21.19
C LYS A 59 -6.37 -0.82 -22.28
N ALA A 60 -5.92 -0.87 -23.53
CA ALA A 60 -6.69 -0.31 -24.64
C ALA A 60 -7.98 -1.10 -24.89
N ALA A 61 -7.91 -2.44 -24.80
CA ALA A 61 -9.09 -3.32 -24.96
C ALA A 61 -10.16 -3.03 -23.90
N PHE A 62 -9.72 -2.73 -22.67
CA PHE A 62 -10.62 -2.42 -21.57
C PHE A 62 -11.20 -1.03 -21.58
N LYS A 63 -10.52 -0.12 -22.27
CA LYS A 63 -10.88 1.28 -22.20
C LYS A 63 -12.36 1.61 -22.37
N PRO A 64 -13.05 1.07 -23.40
CA PRO A 64 -14.46 1.34 -23.57
C PRO A 64 -15.32 1.01 -22.33
N THR A 65 -15.06 -0.13 -21.71
CA THR A 65 -15.81 -0.58 -20.51
C THR A 65 -15.44 0.31 -19.34
N TYR A 66 -14.14 0.57 -19.19
CA TYR A 66 -13.66 1.44 -18.13
C TYR A 66 -14.36 2.80 -18.15
N GLU A 67 -14.52 3.37 -19.33
CA GLU A 67 -15.15 4.68 -19.45
C GLU A 67 -16.66 4.68 -19.12
N ARG A 68 -17.33 3.56 -19.32
CA ARG A 68 -18.71 3.37 -18.84
C ARG A 68 -18.83 3.31 -17.29
N LEU A 69 -17.79 2.80 -16.62
CA LEU A 69 -17.80 2.65 -15.17
C LEU A 69 -17.31 3.87 -14.43
N ASP A 70 -16.19 4.47 -14.87
CA ASP A 70 -15.58 5.55 -14.15
C ASP A 70 -16.39 6.82 -14.13
N HIS A 71 -16.51 7.39 -12.93
CA HIS A 71 -17.28 8.60 -12.73
C HIS A 71 -18.72 8.44 -13.20
N HIS A 72 -19.31 7.30 -12.87
CA HIS A 72 -20.68 7.01 -13.23
C HIS A 72 -21.41 6.36 -12.02
N TYR A 73 -22.74 6.25 -12.16
CA TYR A 73 -23.65 5.54 -11.23
C TYR A 73 -23.97 4.14 -11.81
N LEU A 74 -23.43 3.11 -11.18
CA LEU A 74 -23.44 1.79 -11.79
C LEU A 74 -24.86 1.30 -12.06
N ASN A 75 -25.80 1.71 -11.23
CA ASN A 75 -27.15 1.15 -11.31
C ASN A 75 -27.88 1.53 -12.58
N ASP A 76 -27.33 2.53 -13.26
CA ASP A 76 -27.90 3.00 -14.53
C ASP A 76 -27.42 2.23 -15.76
N ILE A 77 -26.44 1.35 -15.58
CA ILE A 77 -25.88 0.57 -16.66
C ILE A 77 -26.66 -0.72 -16.77
N PRO A 78 -27.21 -1.04 -17.96
CA PRO A 78 -27.86 -2.34 -18.10
C PRO A 78 -26.95 -3.52 -17.75
N GLY A 79 -27.48 -4.45 -16.95
CA GLY A 79 -26.75 -5.59 -16.42
C GLY A 79 -26.22 -5.30 -15.03
N LEU A 80 -26.19 -4.02 -14.64
CA LEU A 80 -25.66 -3.63 -13.33
C LEU A 80 -26.73 -3.03 -12.39
N GLU A 81 -27.98 -3.40 -12.60
CA GLU A 81 -29.07 -3.00 -11.69
C GLU A 81 -28.92 -3.51 -10.26
N ASN A 82 -28.17 -4.63 -10.06
CA ASN A 82 -27.79 -5.12 -8.75
C ASN A 82 -26.25 -5.19 -8.68
N PRO A 83 -25.60 -4.04 -8.44
CA PRO A 83 -24.13 -3.93 -8.71
C PRO A 83 -23.25 -4.39 -7.55
N THR A 84 -23.41 -5.66 -7.18
CA THR A 84 -22.55 -6.32 -6.25
C THR A 84 -21.18 -6.55 -6.90
N SER A 85 -20.20 -6.84 -6.07
CA SER A 85 -18.88 -7.20 -6.60
C SER A 85 -18.94 -8.37 -7.57
N GLU A 86 -19.69 -9.38 -7.16
CA GLU A 86 -19.86 -10.61 -7.92
C GLU A 86 -20.56 -10.38 -9.25
N VAL A 87 -21.61 -9.61 -9.22
CA VAL A 87 -22.33 -9.23 -10.46
C VAL A 87 -21.41 -8.38 -11.32
N LEU A 88 -20.70 -7.41 -10.73
CA LEU A 88 -19.79 -6.56 -11.54
C LEU A 88 -18.64 -7.36 -12.17
N ALA A 89 -18.04 -8.27 -11.40
CA ALA A 89 -16.99 -9.10 -11.94
C ALA A 89 -17.41 -9.91 -13.19
N LYS A 90 -18.56 -10.55 -13.10
CA LYS A 90 -19.07 -11.32 -14.26
C LYS A 90 -19.44 -10.40 -15.40
N TRP A 91 -20.06 -9.25 -15.09
CA TRP A 91 -20.41 -8.30 -16.14
C TRP A 91 -19.19 -7.80 -16.89
N ILE A 92 -18.12 -7.48 -16.17
CA ILE A 92 -16.87 -7.07 -16.79
C ILE A 92 -16.28 -8.22 -17.67
N TRP A 93 -16.27 -9.46 -17.17
CA TRP A 93 -15.88 -10.61 -17.98
C TRP A 93 -16.66 -10.61 -19.32
N ASP A 94 -17.99 -10.50 -19.19
CA ASP A 94 -18.85 -10.57 -20.38
C ASP A 94 -18.55 -9.49 -21.37
N GLN A 95 -18.17 -8.30 -20.88
CA GLN A 95 -17.80 -7.21 -21.78
C GLN A 95 -16.43 -7.36 -22.40
N VAL A 96 -15.52 -7.91 -21.65
CA VAL A 96 -14.10 -7.94 -22.05
C VAL A 96 -13.67 -9.19 -22.83
N LYS A 97 -14.26 -10.32 -22.49
CA LYS A 97 -13.83 -11.59 -23.07
C LYS A 97 -13.92 -11.55 -24.59
N PRO A 98 -14.91 -10.84 -25.16
CA PRO A 98 -14.91 -10.75 -26.61
C PRO A 98 -13.75 -10.03 -27.28
N VAL A 99 -13.13 -9.08 -26.59
CA VAL A 99 -11.97 -8.37 -27.12
C VAL A 99 -10.65 -8.82 -26.52
N VAL A 100 -10.73 -9.73 -25.55
CA VAL A 100 -9.51 -10.31 -24.92
C VAL A 100 -9.74 -11.80 -24.80
N PRO A 101 -9.51 -12.53 -25.89
CA PRO A 101 -9.82 -13.95 -25.87
C PRO A 101 -9.07 -14.77 -24.84
N LEU A 102 -7.88 -14.33 -24.43
CA LEU A 102 -7.11 -15.08 -23.42
C LEU A 102 -7.42 -14.70 -21.98
N LEU A 103 -8.40 -13.85 -21.78
CA LEU A 103 -8.95 -13.58 -20.44
C LEU A 103 -9.28 -14.83 -19.66
N SER A 104 -8.71 -14.91 -18.45
CA SER A 104 -8.85 -16.03 -17.58
C SER A 104 -9.42 -15.71 -16.24
N ALA A 105 -9.37 -14.45 -15.80
CA ALA A 105 -10.05 -14.07 -14.59
C ALA A 105 -10.28 -12.54 -14.53
N VAL A 106 -11.32 -12.16 -13.79
CA VAL A 106 -11.60 -10.82 -13.42
C VAL A 106 -11.78 -10.71 -11.94
N MET A 107 -10.98 -9.85 -11.31
CA MET A 107 -11.09 -9.53 -9.89
C MET A 107 -11.68 -8.13 -9.74
N VAL A 108 -12.64 -7.98 -8.82
CA VAL A 108 -13.18 -6.66 -8.49
C VAL A 108 -13.06 -6.49 -6.99
N LYS A 109 -12.46 -5.38 -6.58
CA LYS A 109 -12.36 -4.99 -5.20
C LYS A 109 -13.16 -3.73 -5.00
N GLU A 110 -14.15 -3.81 -4.11
CA GLU A 110 -14.97 -2.69 -3.77
C GLU A 110 -14.24 -1.76 -2.82
N THR A 111 -13.46 -2.34 -1.91
CA THR A 111 -12.67 -1.58 -0.97
C THR A 111 -11.29 -2.25 -0.98
N CYS A 112 -10.29 -1.66 -0.30
CA CYS A 112 -8.97 -2.28 -0.27
C CYS A 112 -8.96 -3.66 0.44
N THR A 113 -9.99 -3.97 1.22
CA THR A 113 -10.00 -5.21 2.02
C THR A 113 -11.04 -6.27 1.64
N ALA A 114 -11.72 -6.12 0.50
CA ALA A 114 -12.92 -6.95 0.20
C ALA A 114 -13.19 -6.98 -1.29
N GLY A 115 -13.32 -8.18 -1.83
CA GLY A 115 -13.50 -8.34 -3.25
C GLY A 115 -13.90 -9.74 -3.71
N CYS A 116 -13.88 -9.90 -5.04
N CYS A 116 -13.90 -9.94 -5.01
CA CYS A 116 -14.44 -11.08 -5.71
CA CYS A 116 -14.15 -11.26 -5.51
C CYS A 116 -13.51 -11.45 -6.89
C CYS A 116 -13.41 -11.47 -6.80
N ILE A 117 -13.27 -12.73 -7.13
CA ILE A 117 -12.62 -13.12 -8.37
C ILE A 117 -13.52 -14.04 -9.18
N TYR A 118 -13.71 -13.69 -10.44
CA TYR A 118 -14.57 -14.48 -11.34
C TYR A 118 -13.73 -15.12 -12.40
N ARG A 119 -13.89 -16.44 -12.58
CA ARG A 119 -13.30 -17.17 -13.73
C ARG A 119 -14.48 -17.65 -14.59
N GLY A 120 -14.57 -17.22 -15.84
CA GLY A 120 -15.76 -17.53 -16.66
C GLY A 120 -15.59 -18.68 -17.64
N GLU A 121 -14.53 -19.44 -17.43
CA GLU A 121 -14.24 -20.63 -18.24
C GLU A 121 -13.40 -21.58 -17.38
N SER B 3 -0.27 -30.07 3.39
CA SER B 3 0.24 -29.33 2.19
C SER B 3 -0.14 -27.87 2.35
N THR B 4 0.77 -26.98 1.98
CA THR B 4 0.42 -25.55 2.06
C THR B 4 1.27 -24.74 1.08
N THR B 5 0.95 -23.46 0.90
CA THR B 5 1.83 -22.60 0.08
C THR B 5 2.42 -21.47 0.91
N LEU B 6 3.67 -21.12 0.65
CA LEU B 6 4.36 -20.06 1.32
C LEU B 6 4.85 -19.08 0.26
N PHE B 7 4.91 -17.79 0.56
CA PHE B 7 5.49 -16.84 -0.38
C PHE B 7 6.26 -15.77 0.35
N LYS B 8 7.21 -15.19 -0.38
CA LYS B 8 8.00 -14.11 0.13
C LYS B 8 8.23 -13.11 -1.01
N ASP B 9 8.18 -11.83 -0.67
CA ASP B 9 8.22 -10.75 -1.66
C ASP B 9 9.54 -9.95 -1.54
N PHE B 10 10.08 -9.53 -2.69
CA PHE B 10 11.36 -8.83 -2.76
C PHE B 10 11.25 -7.68 -3.74
N THR B 11 12.01 -6.60 -3.58
CA THR B 11 11.94 -5.50 -4.57
C THR B 11 13.38 -5.19 -4.98
N PHE B 12 13.60 -4.98 -6.26
CA PHE B 12 14.94 -4.65 -6.79
C PHE B 12 14.81 -3.48 -7.73
N GLU B 13 15.88 -2.65 -7.83
CA GLU B 13 15.84 -1.43 -8.56
C GLU B 13 16.74 -1.59 -9.77
N ALA B 14 16.18 -1.53 -10.99
CA ALA B 14 16.98 -1.84 -12.20
C ALA B 14 16.58 -1.07 -13.40
N ALA B 15 17.50 -1.00 -14.37
CA ALA B 15 17.25 -0.40 -15.68
C ALA B 15 17.00 -1.51 -16.68
N HIS B 16 16.17 -1.25 -17.65
CA HIS B 16 16.01 -2.16 -18.81
C HIS B 16 15.52 -1.40 -20.03
N ARG B 17 15.59 -2.06 -21.19
CA ARG B 17 14.89 -1.57 -22.36
C ARG B 17 14.46 -2.79 -23.16
N LEU B 18 13.37 -2.62 -23.89
CA LEU B 18 12.78 -3.70 -24.66
C LEU B 18 13.26 -3.53 -26.11
N PRO B 19 14.03 -4.51 -26.60
CA PRO B 19 14.66 -4.29 -27.93
C PRO B 19 13.74 -4.52 -29.13
N HIS B 20 12.61 -5.18 -28.93
CA HIS B 20 11.77 -5.65 -30.05
C HIS B 20 10.43 -4.95 -30.18
N VAL B 21 10.24 -3.88 -29.42
CA VAL B 21 9.05 -3.06 -29.60
C VAL B 21 9.26 -2.16 -30.82
N PRO B 22 8.17 -1.60 -31.37
CA PRO B 22 8.31 -0.65 -32.49
C PRO B 22 9.05 0.64 -32.12
N GLU B 23 9.55 1.35 -33.11
CA GLU B 23 10.56 2.38 -32.87
C GLU B 23 10.21 3.46 -31.82
N GLY B 24 8.98 3.98 -31.83
CA GLY B 24 8.61 5.03 -30.87
C GLY B 24 8.00 4.57 -29.55
N HIS B 25 7.90 3.25 -29.36
CA HIS B 25 7.30 2.65 -28.14
C HIS B 25 8.12 3.09 -26.91
N LYS B 26 7.45 3.63 -25.89
CA LYS B 26 8.17 4.07 -24.68
C LYS B 26 9.09 3.02 -24.06
N ALA B 27 8.74 1.74 -24.19
CA ALA B 27 9.48 0.67 -23.55
C ALA B 27 10.83 0.45 -24.21
N GLY B 28 10.96 1.00 -25.44
CA GLY B 28 12.18 0.84 -26.22
C GLY B 28 13.26 1.82 -25.85
N ARG B 29 12.91 2.84 -25.08
CA ARG B 29 13.85 3.77 -24.54
C ARG B 29 14.48 3.18 -23.27
N LEU B 30 15.70 3.62 -22.95
CA LEU B 30 16.34 3.22 -21.71
C LEU B 30 15.52 3.81 -20.57
N HIS B 31 15.13 2.95 -19.64
CA HIS B 31 14.35 3.41 -18.49
C HIS B 31 14.57 2.42 -17.36
N GLY B 32 13.70 2.42 -16.33
CA GLY B 32 13.85 1.55 -15.22
C GLY B 32 12.58 1.41 -14.41
N HIS B 33 12.67 0.56 -13.38
CA HIS B 33 11.52 0.27 -12.52
C HIS B 33 12.02 -0.19 -11.18
N SER B 34 11.14 -0.05 -10.19
CA SER B 34 11.25 -0.79 -8.94
C SER B 34 10.46 -2.11 -9.12
N PHE B 35 11.17 -3.17 -9.47
CA PHE B 35 10.59 -4.45 -9.78
C PHE B 35 10.25 -5.21 -8.50
N MET B 36 9.06 -5.79 -8.42
CA MET B 36 8.74 -6.63 -7.29
C MET B 36 8.75 -8.07 -7.74
N VAL B 37 9.33 -8.95 -6.93
CA VAL B 37 9.34 -10.37 -7.19
C VAL B 37 8.72 -11.12 -6.02
N ARG B 38 7.82 -12.04 -6.31
CA ARG B 38 7.25 -12.90 -5.29
C ARG B 38 7.69 -14.31 -5.63
N LEU B 39 8.33 -15.02 -4.71
CA LEU B 39 8.60 -16.39 -4.82
C LEU B 39 7.60 -17.15 -4.01
N GLU B 40 6.99 -18.14 -4.63
CA GLU B 40 6.01 -19.02 -3.98
C GLU B 40 6.49 -20.46 -3.99
N ILE B 41 6.36 -21.14 -2.87
CA ILE B 41 6.66 -22.56 -2.79
C ILE B 41 5.42 -23.32 -2.28
N THR B 42 5.31 -24.60 -2.60
CA THR B 42 4.25 -25.43 -2.14
C THR B 42 4.84 -26.74 -1.62
N GLY B 43 4.43 -27.18 -0.43
CA GLY B 43 4.96 -28.43 0.12
C GLY B 43 4.36 -28.74 1.45
N GLU B 44 4.92 -29.74 2.12
CA GLU B 44 4.35 -30.22 3.35
C GLU B 44 4.98 -29.49 4.53
N VAL B 45 4.17 -29.27 5.55
CA VAL B 45 4.61 -28.62 6.77
C VAL B 45 5.20 -29.69 7.70
N ASP B 46 6.44 -29.49 8.16
CA ASP B 46 7.12 -30.39 9.07
C ASP B 46 6.45 -30.28 10.42
N PRO B 47 6.09 -31.42 11.04
CA PRO B 47 5.39 -31.38 12.32
C PRO B 47 6.19 -30.81 13.48
N HIS B 48 7.52 -30.91 13.44
CA HIS B 48 8.29 -30.29 14.50
C HIS B 48 8.55 -28.78 14.27
N THR B 49 9.00 -28.41 13.09
CA THR B 49 9.33 -27.00 12.85
C THR B 49 8.05 -26.17 12.72
N GLY B 50 6.97 -26.80 12.27
CA GLY B 50 5.72 -26.09 12.02
C GLY B 50 5.77 -25.25 10.76
N TRP B 51 6.76 -25.50 9.90
CA TRP B 51 6.87 -24.71 8.67
C TRP B 51 7.32 -25.58 7.47
N ILE B 52 7.26 -25.03 6.27
CA ILE B 52 7.78 -25.73 5.10
C ILE B 52 9.29 -25.56 5.10
N ILE B 53 9.74 -24.33 4.88
CA ILE B 53 11.08 -23.86 5.19
C ILE B 53 10.96 -22.47 5.79
N ASP B 54 11.99 -22.09 6.50
CA ASP B 54 12.04 -20.75 7.10
C ASP B 54 11.97 -19.71 5.99
N PHE B 55 11.11 -18.69 6.16
CA PHE B 55 11.12 -17.55 5.25
C PHE B 55 12.56 -17.09 4.99
N ALA B 56 13.39 -17.08 6.04
CA ALA B 56 14.78 -16.58 5.84
C ALA B 56 15.59 -17.44 4.86
N GLU B 57 15.29 -18.74 4.80
CA GLU B 57 15.94 -19.63 3.81
C GLU B 57 15.51 -19.25 2.40
N LEU B 58 14.25 -18.85 2.22
CA LEU B 58 13.82 -18.44 0.91
C LEU B 58 14.50 -17.15 0.51
N LYS B 59 14.66 -16.21 1.44
CA LYS B 59 15.38 -14.97 1.16
C LYS B 59 16.84 -15.31 0.82
N ALA B 60 17.43 -16.18 1.62
CA ALA B 60 18.86 -16.48 1.39
C ALA B 60 19.03 -17.14 0.03
N ALA B 61 18.09 -18.01 -0.33
CA ALA B 61 18.15 -18.71 -1.60
C ALA B 61 18.09 -17.74 -2.78
N PHE B 62 17.34 -16.67 -2.64
CA PHE B 62 17.25 -15.67 -3.71
C PHE B 62 18.40 -14.69 -3.78
N LYS B 63 19.17 -14.56 -2.71
CA LYS B 63 20.08 -13.42 -2.59
C LYS B 63 21.11 -13.31 -3.74
N PRO B 64 21.70 -14.45 -4.14
CA PRO B 64 22.65 -14.31 -5.26
C PRO B 64 22.00 -13.82 -6.53
N THR B 65 20.78 -14.26 -6.82
CA THR B 65 20.05 -13.74 -8.02
C THR B 65 19.67 -12.29 -7.84
N TYR B 66 19.23 -11.92 -6.63
N TYR B 66 19.26 -11.96 -6.63
CA TYR B 66 18.85 -10.53 -6.28
CA TYR B 66 18.82 -10.63 -6.32
C TYR B 66 20.00 -9.62 -6.56
C TYR B 66 19.97 -9.64 -6.51
N GLU B 67 21.19 -10.04 -6.14
CA GLU B 67 22.39 -9.21 -6.23
C GLU B 67 22.76 -8.99 -7.70
N ARG B 68 22.52 -9.97 -8.56
CA ARG B 68 22.70 -9.80 -10.03
C ARG B 68 21.73 -8.82 -10.67
N LEU B 69 20.50 -8.79 -10.15
CA LEU B 69 19.46 -7.95 -10.70
C LEU B 69 19.44 -6.55 -10.10
N ASP B 70 19.62 -6.47 -8.79
CA ASP B 70 19.49 -5.18 -8.12
C ASP B 70 20.59 -4.19 -8.51
N HIS B 71 20.19 -2.95 -8.76
CA HIS B 71 21.09 -1.88 -9.12
C HIS B 71 21.94 -2.30 -10.31
N HIS B 72 21.27 -2.91 -11.29
CA HIS B 72 21.90 -3.31 -12.52
C HIS B 72 21.04 -2.97 -13.71
N TYR B 73 21.69 -3.05 -14.87
CA TYR B 73 21.02 -2.96 -16.17
C TYR B 73 20.77 -4.36 -16.68
N LEU B 74 19.51 -4.72 -16.81
CA LEU B 74 19.17 -6.12 -17.01
C LEU B 74 19.67 -6.67 -18.34
N ASN B 75 19.61 -5.84 -19.36
CA ASN B 75 19.88 -6.35 -20.72
C ASN B 75 21.30 -6.95 -20.87
N ASP B 76 22.21 -6.55 -20.01
CA ASP B 76 23.60 -7.00 -20.04
C ASP B 76 23.77 -8.37 -19.35
N ILE B 77 22.68 -8.90 -18.78
CA ILE B 77 22.71 -10.22 -18.16
C ILE B 77 22.32 -11.29 -19.15
N PRO B 78 23.21 -12.25 -19.42
CA PRO B 78 22.84 -13.34 -20.32
C PRO B 78 21.49 -13.97 -19.97
N GLY B 79 20.62 -14.03 -20.99
CA GLY B 79 19.25 -14.55 -20.86
C GLY B 79 18.21 -13.47 -20.70
N LEU B 80 18.64 -12.24 -20.40
CA LEU B 80 17.75 -11.11 -20.25
C LEU B 80 18.04 -10.04 -21.32
N GLU B 81 18.56 -10.49 -22.46
CA GLU B 81 18.59 -9.60 -23.61
C GLU B 81 17.24 -9.01 -24.07
N ASN B 82 16.13 -9.69 -23.77
CA ASN B 82 14.79 -9.16 -23.97
C ASN B 82 14.07 -9.19 -22.66
N PRO B 83 14.35 -8.19 -21.81
CA PRO B 83 13.93 -8.32 -20.38
C PRO B 83 12.48 -7.89 -20.09
N THR B 84 11.54 -8.57 -20.72
CA THR B 84 10.14 -8.38 -20.39
C THR B 84 9.86 -9.07 -19.05
N SER B 85 8.72 -8.77 -18.44
CA SER B 85 8.31 -9.41 -17.20
C SER B 85 8.19 -10.91 -17.35
N GLU B 86 7.71 -11.35 -18.51
CA GLU B 86 7.52 -12.75 -18.77
C GLU B 86 8.85 -13.49 -18.85
N VAL B 87 9.77 -12.90 -19.60
CA VAL B 87 11.11 -13.46 -19.72
C VAL B 87 11.81 -13.47 -18.35
N LEU B 88 11.70 -12.38 -17.62
CA LEU B 88 12.32 -12.26 -16.33
C LEU B 88 11.74 -13.27 -15.30
N ALA B 89 10.43 -13.46 -15.31
CA ALA B 89 9.82 -14.41 -14.37
C ALA B 89 10.38 -15.83 -14.62
N LYS B 90 10.47 -16.21 -15.91
CA LYS B 90 10.99 -17.52 -16.24
C LYS B 90 12.48 -17.62 -15.93
N TRP B 91 13.22 -16.55 -16.20
CA TRP B 91 14.67 -16.53 -15.95
C TRP B 91 14.91 -16.72 -14.45
N ILE B 92 14.12 -15.99 -13.64
CA ILE B 92 14.24 -16.16 -12.19
C ILE B 92 13.95 -17.59 -11.70
N TRP B 93 12.84 -18.17 -12.17
CA TRP B 93 12.50 -19.57 -11.92
C TRP B 93 13.72 -20.43 -12.18
N ASP B 94 14.30 -20.29 -13.38
CA ASP B 94 15.44 -21.12 -13.74
C ASP B 94 16.67 -20.93 -12.82
N GLN B 95 16.95 -19.71 -12.34
CA GLN B 95 18.03 -19.51 -11.37
C GLN B 95 17.82 -20.05 -9.97
N VAL B 96 16.56 -20.00 -9.51
CA VAL B 96 16.21 -20.33 -8.14
C VAL B 96 15.74 -21.80 -7.97
N LYS B 97 15.20 -22.41 -8.99
CA LYS B 97 14.68 -23.77 -8.87
C LYS B 97 15.74 -24.79 -8.32
N PRO B 98 17.02 -24.68 -8.71
CA PRO B 98 18.00 -25.64 -8.12
C PRO B 98 18.09 -25.53 -6.63
N VAL B 99 17.96 -24.30 -6.13
CA VAL B 99 18.19 -24.02 -4.73
C VAL B 99 16.91 -24.29 -3.96
N VAL B 100 15.76 -23.98 -4.58
CA VAL B 100 14.42 -24.07 -3.96
C VAL B 100 13.55 -25.07 -4.75
N PRO B 101 13.74 -26.37 -4.48
CA PRO B 101 13.00 -27.30 -5.31
C PRO B 101 11.49 -27.26 -5.14
N LEU B 102 11.01 -26.68 -4.03
CA LEU B 102 9.54 -26.56 -3.86
C LEU B 102 8.94 -25.37 -4.54
N LEU B 103 9.76 -24.57 -5.21
CA LEU B 103 9.26 -23.45 -5.95
C LEU B 103 8.07 -23.82 -6.82
N SER B 104 6.98 -23.06 -6.70
CA SER B 104 5.77 -23.34 -7.45
C SER B 104 5.31 -22.15 -8.31
N ALA B 105 5.74 -20.92 -8.01
CA ALA B 105 5.38 -19.78 -8.84
C ALA B 105 6.38 -18.65 -8.62
N VAL B 106 6.60 -17.88 -9.67
CA VAL B 106 7.37 -16.63 -9.63
C VAL B 106 6.53 -15.54 -10.25
N MET B 107 6.29 -14.48 -9.46
CA MET B 107 5.62 -13.30 -9.94
C MET B 107 6.64 -12.16 -10.07
N VAL B 108 6.57 -11.47 -11.19
CA VAL B 108 7.30 -10.24 -11.42
C VAL B 108 6.33 -9.13 -11.72
N LYS B 109 6.46 -8.04 -10.98
CA LYS B 109 5.74 -6.82 -11.25
C LYS B 109 6.71 -5.70 -11.60
N GLU B 110 6.55 -5.13 -12.78
CA GLU B 110 7.37 -3.98 -13.18
C GLU B 110 6.92 -2.72 -12.55
N THR B 111 5.60 -2.62 -12.36
CA THR B 111 4.99 -1.47 -11.69
C THR B 111 4.02 -2.04 -10.68
N CYS B 112 3.48 -1.15 -9.84
N CYS B 112 3.47 -1.18 -9.83
CA CYS B 112 2.54 -1.57 -8.83
CA CYS B 112 2.52 -1.61 -8.81
C CYS B 112 1.25 -2.17 -9.40
C CYS B 112 1.16 -2.04 -9.38
N THR B 113 0.94 -1.88 -10.67
CA THR B 113 -0.37 -2.23 -11.28
C THR B 113 -0.35 -3.26 -12.42
N ALA B 114 0.82 -3.83 -12.68
CA ALA B 114 0.95 -4.74 -13.83
C ALA B 114 1.98 -5.80 -13.49
N GLY B 115 1.75 -7.03 -13.94
CA GLY B 115 2.73 -8.06 -13.68
C GLY B 115 2.47 -9.37 -14.39
N CYS B 116 3.28 -10.36 -14.09
N CYS B 116 3.34 -10.34 -14.10
CA CYS B 116 3.01 -11.68 -14.62
CA CYS B 116 3.32 -11.68 -14.69
C CYS B 116 3.47 -12.76 -13.67
C CYS B 116 3.50 -12.76 -13.62
N ILE B 117 2.80 -13.91 -13.75
CA ILE B 117 3.04 -15.02 -12.85
C ILE B 117 3.39 -16.22 -13.71
N TYR B 118 4.58 -16.74 -13.49
CA TYR B 118 5.10 -17.92 -14.16
C TYR B 118 5.06 -19.12 -13.22
N ARG B 119 4.49 -20.23 -13.70
N ARG B 119 4.42 -20.20 -13.68
CA ARG B 119 4.43 -21.47 -12.92
CA ARG B 119 4.48 -21.47 -12.97
C ARG B 119 5.03 -22.60 -13.76
C ARG B 119 5.17 -22.41 -13.91
N GLY B 120 6.25 -23.02 -13.44
CA GLY B 120 6.98 -24.09 -14.16
C GLY B 120 6.68 -25.49 -13.60
N MET C 2 10.18 20.05 21.17
CA MET C 2 9.33 21.00 20.45
C MET C 2 7.87 20.53 20.21
N SER C 3 7.56 19.33 19.67
CA SER C 3 6.13 18.91 19.67
C SER C 3 5.89 17.39 19.49
N THR C 4 4.77 16.90 20.01
CA THR C 4 4.29 15.56 19.74
C THR C 4 2.90 15.68 19.06
N THR C 5 2.73 14.98 17.94
CA THR C 5 1.51 15.02 17.15
C THR C 5 1.04 13.60 17.00
N LEU C 6 -0.25 13.36 17.22
CA LEU C 6 -0.83 12.04 17.01
C LEU C 6 -1.76 12.11 15.82
N PHE C 7 -1.87 11.02 15.09
CA PHE C 7 -2.81 10.95 14.00
C PHE C 7 -3.44 9.59 13.85
N LYS C 8 -4.66 9.62 13.31
CA LYS C 8 -5.41 8.41 13.03
C LYS C 8 -6.16 8.56 11.70
N ASP C 9 -6.14 7.47 10.91
CA ASP C 9 -6.74 7.43 9.60
C ASP C 9 -8.04 6.61 9.57
N PHE C 10 -9.01 7.13 8.82
CA PHE C 10 -10.36 6.50 8.71
C PHE C 10 -10.74 6.49 7.25
N THR C 11 -11.50 5.47 6.82
N THR C 11 -11.50 5.49 6.81
CA THR C 11 -11.92 5.40 5.41
CA THR C 11 -11.94 5.48 5.41
C THR C 11 -13.44 5.27 5.41
C THR C 11 -13.44 5.30 5.43
N PHE C 12 -14.08 6.05 4.56
CA PHE C 12 -15.54 5.92 4.39
C PHE C 12 -15.92 5.87 2.93
N GLU C 13 -17.09 5.28 2.66
CA GLU C 13 -17.49 4.95 1.30
C GLU C 13 -18.71 5.76 0.96
N ALA C 14 -18.57 6.66 0.01
CA ALA C 14 -19.59 7.68 -0.25
C ALA C 14 -19.68 8.06 -1.70
N ALA C 15 -20.87 8.58 -2.02
CA ALA C 15 -21.17 9.19 -3.30
C ALA C 15 -21.09 10.71 -3.20
N HIS C 16 -20.67 11.39 -4.29
CA HIS C 16 -20.76 12.82 -4.41
C HIS C 16 -20.71 13.24 -5.88
N ARG C 17 -21.05 14.51 -6.10
CA ARG C 17 -20.86 15.15 -7.37
C ARG C 17 -20.52 16.58 -7.10
N LEU C 18 -19.74 17.16 -7.99
CA LEU C 18 -19.37 18.57 -7.85
C LEU C 18 -20.30 19.44 -8.74
N PRO C 19 -21.05 20.34 -8.11
CA PRO C 19 -22.13 21.05 -8.81
C PRO C 19 -21.63 22.25 -9.61
N HIS C 20 -20.40 22.72 -9.39
CA HIS C 20 -19.96 23.96 -10.06
C HIS C 20 -18.86 23.79 -11.02
N VAL C 21 -18.67 22.57 -11.51
CA VAL C 21 -17.72 22.36 -12.58
C VAL C 21 -18.50 22.51 -13.88
N PRO C 22 -17.80 22.68 -14.99
CA PRO C 22 -18.53 22.82 -16.26
C PRO C 22 -19.27 21.58 -16.71
N GLU C 23 -20.33 21.77 -17.50
CA GLU C 23 -21.04 20.63 -18.09
C GLU C 23 -20.03 19.72 -18.79
N GLY C 24 -20.16 18.41 -18.57
CA GLY C 24 -19.21 17.47 -19.17
C GLY C 24 -17.94 17.19 -18.37
N HIS C 25 -17.61 18.01 -17.38
CA HIS C 25 -16.51 17.63 -16.44
C HIS C 25 -16.94 16.35 -15.69
N LYS C 26 -16.07 15.33 -15.67
CA LYS C 26 -16.41 14.02 -15.03
C LYS C 26 -16.85 14.13 -13.55
N ALA C 27 -16.31 15.08 -12.79
CA ALA C 27 -16.72 15.18 -11.39
C ALA C 27 -18.09 15.73 -11.23
N GLY C 28 -18.65 16.28 -12.33
CA GLY C 28 -20.03 16.77 -12.35
C GLY C 28 -21.05 15.66 -12.47
N ARG C 29 -20.63 14.43 -12.81
CA ARG C 29 -21.50 13.30 -12.85
C ARG C 29 -21.57 12.68 -11.49
N LEU C 30 -22.73 12.18 -11.10
CA LEU C 30 -22.82 11.39 -9.86
C LEU C 30 -21.78 10.25 -9.89
N HIS C 31 -20.96 10.21 -8.84
CA HIS C 31 -19.99 9.14 -8.68
C HIS C 31 -19.68 8.95 -7.21
N GLY C 32 -18.57 8.27 -6.88
CA GLY C 32 -18.20 8.15 -5.50
C GLY C 32 -16.73 7.76 -5.39
N HIS C 33 -16.33 7.56 -4.13
CA HIS C 33 -14.92 7.28 -3.77
C HIS C 33 -14.89 6.55 -2.43
N SER C 34 -13.75 5.91 -2.17
CA SER C 34 -13.40 5.45 -0.86
C SER C 34 -12.56 6.57 -0.26
N PHE C 35 -13.18 7.44 0.52
CA PHE C 35 -12.47 8.65 1.02
C PHE C 35 -11.64 8.24 2.22
N MET C 36 -10.46 8.79 2.35
CA MET C 36 -9.66 8.62 3.56
C MET C 36 -9.54 9.97 4.29
N VAL C 37 -9.75 9.93 5.60
CA VAL C 37 -9.62 11.07 6.45
C VAL C 37 -8.56 10.79 7.53
N ARG C 38 -7.62 11.70 7.66
CA ARG C 38 -6.62 11.66 8.74
C ARG C 38 -6.90 12.81 9.65
N LEU C 39 -7.12 12.50 10.93
CA LEU C 39 -7.24 13.50 11.97
C LEU C 39 -5.90 13.59 12.70
N GLU C 40 -5.40 14.78 12.87
CA GLU C 40 -4.17 14.98 13.66
C GLU C 40 -4.43 15.90 14.84
N ILE C 41 -3.78 15.60 15.94
CA ILE C 41 -3.84 16.39 17.16
C ILE C 41 -2.46 16.65 17.69
N THR C 42 -2.30 17.77 18.40
CA THR C 42 -1.02 18.06 18.96
C THR C 42 -1.25 18.49 20.40
N GLY C 43 -0.40 18.03 21.29
CA GLY C 43 -0.54 18.44 22.69
C GLY C 43 0.49 17.80 23.59
N GLU C 44 0.31 17.92 24.91
N GLU C 44 0.25 17.87 24.90
CA GLU C 44 1.31 17.40 25.84
CA GLU C 44 1.15 17.33 25.89
C GLU C 44 1.02 15.95 26.13
C GLU C 44 0.97 15.87 26.09
N VAL C 45 2.10 15.15 26.24
CA VAL C 45 2.05 13.75 26.57
C VAL C 45 1.98 13.68 28.08
N ASP C 46 0.94 13.04 28.59
CA ASP C 46 0.81 12.92 30.07
C ASP C 46 1.83 11.90 30.56
N PRO C 47 2.60 12.22 31.61
CA PRO C 47 3.66 11.26 32.04
C PRO C 47 3.09 9.98 32.59
N HIS C 48 1.90 10.04 33.15
CA HIS C 48 1.28 8.81 33.75
C HIS C 48 0.73 7.85 32.68
N THR C 49 -0.04 8.39 31.73
CA THR C 49 -0.55 7.53 30.69
C THR C 49 0.46 7.27 29.54
N GLY C 50 1.38 8.19 29.35
CA GLY C 50 2.34 8.07 28.24
C GLY C 50 1.73 8.50 26.92
N TRP C 51 0.53 9.11 26.93
CA TRP C 51 -0.08 9.49 25.68
C TRP C 51 -0.71 10.84 25.71
N ILE C 52 -1.06 11.38 24.54
CA ILE C 52 -1.84 12.60 24.50
C ILE C 52 -3.30 12.30 24.81
N ILE C 53 -3.99 11.58 23.92
CA ILE C 53 -5.24 10.88 24.22
C ILE C 53 -5.13 9.49 23.62
N ASP C 54 -5.91 8.53 24.10
CA ASP C 54 -5.96 7.16 23.52
C ASP C 54 -6.44 7.29 22.06
N PHE C 55 -5.76 6.60 21.14
CA PHE C 55 -6.26 6.50 19.75
C PHE C 55 -7.75 6.16 19.73
N ALA C 56 -8.19 5.29 20.64
CA ALA C 56 -9.61 4.92 20.71
C ALA C 56 -10.52 6.07 21.04
N GLU C 57 -10.05 7.05 21.83
CA GLU C 57 -10.82 8.24 22.14
C GLU C 57 -10.98 9.11 20.92
N LEU C 58 -9.92 9.25 20.13
CA LEU C 58 -10.03 10.02 18.89
C LEU C 58 -11.07 9.37 17.94
N LYS C 59 -11.01 8.05 17.79
CA LYS C 59 -11.99 7.31 16.98
C LYS C 59 -13.40 7.54 17.52
N ALA C 60 -13.59 7.42 18.83
CA ALA C 60 -14.94 7.64 19.38
C ALA C 60 -15.47 9.04 19.16
N ALA C 61 -14.59 10.04 19.29
CA ALA C 61 -14.98 11.44 19.11
C ALA C 61 -15.44 11.72 17.66
N PHE C 62 -14.80 11.07 16.69
CA PHE C 62 -15.11 11.24 15.27
C PHE C 62 -16.34 10.42 14.79
N LYS C 63 -16.68 9.36 15.54
CA LYS C 63 -17.67 8.42 15.08
C LYS C 63 -19.01 9.00 14.63
N PRO C 64 -19.56 9.97 15.35
CA PRO C 64 -20.82 10.54 14.86
C PRO C 64 -20.69 11.18 13.50
N THR C 65 -19.60 11.91 13.27
CA THR C 65 -19.35 12.57 12.00
C THR C 65 -19.08 11.51 10.98
N TYR C 66 -18.25 10.51 11.32
CA TYR C 66 -18.00 9.40 10.42
C TYR C 66 -19.29 8.71 9.95
N GLU C 67 -20.21 8.45 10.87
CA GLU C 67 -21.44 7.76 10.53
C GLU C 67 -22.38 8.60 9.61
N ARG C 68 -22.28 9.90 9.66
CA ARG C 68 -22.99 10.81 8.69
C ARG C 68 -22.44 10.72 7.28
N LEU C 69 -21.14 10.45 7.20
CA LEU C 69 -20.43 10.41 5.94
C LEU C 69 -20.47 9.04 5.29
N ASP C 70 -20.35 7.98 6.07
CA ASP C 70 -20.11 6.67 5.53
C ASP C 70 -21.38 6.06 4.95
N HIS C 71 -21.24 5.56 3.72
CA HIS C 71 -22.40 4.98 2.98
C HIS C 71 -23.55 5.99 2.83
N HIS C 72 -23.20 7.22 2.57
CA HIS C 72 -24.15 8.27 2.26
C HIS C 72 -23.77 9.03 1.01
N TYR C 73 -24.69 9.85 0.56
CA TYR C 73 -24.51 10.81 -0.51
C TYR C 73 -24.22 12.17 0.07
N LEU C 74 -23.00 12.66 -0.15
CA LEU C 74 -22.50 13.83 0.55
C LEU C 74 -23.31 15.11 0.27
N ASN C 75 -23.80 15.26 -0.95
CA ASN C 75 -24.46 16.52 -1.37
C ASN C 75 -25.71 16.81 -0.56
N ASP C 76 -26.29 15.78 0.02
CA ASP C 76 -27.54 15.99 0.80
C ASP C 76 -27.27 16.37 2.25
N ILE C 77 -26.01 16.46 2.66
CA ILE C 77 -25.66 16.80 4.03
C ILE C 77 -25.45 18.31 4.07
N PRO C 78 -26.14 19.01 4.98
CA PRO C 78 -25.97 20.45 5.04
C PRO C 78 -24.51 20.83 5.28
N GLY C 79 -24.01 21.75 4.47
CA GLY C 79 -22.62 22.15 4.53
C GLY C 79 -21.78 21.55 3.42
N LEU C 80 -22.29 20.48 2.81
CA LEU C 80 -21.57 19.70 1.81
C LEU C 80 -22.28 19.70 0.44
N GLU C 81 -23.03 20.78 0.19
CA GLU C 81 -23.65 20.99 -1.11
C GLU C 81 -22.63 21.10 -2.23
N ASN C 82 -21.39 21.52 -1.90
CA ASN C 82 -20.31 21.53 -2.88
C ASN C 82 -19.13 20.67 -2.28
N PRO C 83 -19.23 19.33 -2.41
CA PRO C 83 -18.38 18.46 -1.58
C PRO C 83 -17.01 18.16 -2.21
N THR C 84 -16.27 19.23 -2.43
CA THR C 84 -14.87 19.13 -2.82
C THR C 84 -14.06 18.65 -1.58
N SER C 85 -12.87 18.13 -1.83
CA SER C 85 -11.96 17.71 -0.76
C SER C 85 -11.68 18.86 0.21
N GLU C 86 -11.50 20.04 -0.34
CA GLU C 86 -11.24 21.24 0.42
C GLU C 86 -12.39 21.61 1.32
N VAL C 87 -13.59 21.61 0.76
CA VAL C 87 -14.75 21.88 1.54
C VAL C 87 -15.01 20.79 2.57
N LEU C 88 -14.77 19.52 2.22
CA LEU C 88 -14.94 18.42 3.14
C LEU C 88 -13.97 18.50 4.29
N ALA C 89 -12.72 18.84 4.01
CA ALA C 89 -11.76 18.88 5.12
C ALA C 89 -12.09 19.97 6.15
N LYS C 90 -12.50 21.15 5.65
CA LYS C 90 -12.97 22.24 6.54
C LYS C 90 -14.21 21.84 7.29
N TRP C 91 -15.15 21.20 6.59
CA TRP C 91 -16.40 20.75 7.23
C TRP C 91 -16.12 19.76 8.37
N ILE C 92 -15.20 18.82 8.12
CA ILE C 92 -14.86 17.86 9.16
C ILE C 92 -14.22 18.59 10.34
N TRP C 93 -13.28 19.49 10.06
CA TRP C 93 -12.66 20.33 11.08
C TRP C 93 -13.74 20.99 11.96
N ASP C 94 -14.66 21.65 11.30
CA ASP C 94 -15.75 22.38 12.00
C ASP C 94 -16.65 21.47 12.84
N GLN C 95 -16.83 20.22 12.39
CA GLN C 95 -17.63 19.26 13.11
C GLN C 95 -16.89 18.67 14.26
N VAL C 96 -15.57 18.53 14.12
CA VAL C 96 -14.79 17.73 15.06
C VAL C 96 -14.08 18.56 16.13
N LYS C 97 -13.63 19.74 15.73
CA LYS C 97 -12.89 20.65 16.63
C LYS C 97 -13.60 20.83 18.01
N PRO C 98 -14.96 20.95 18.04
CA PRO C 98 -15.64 21.06 19.36
C PRO C 98 -15.45 19.89 20.35
N VAL C 99 -15.33 18.66 19.84
CA VAL C 99 -15.12 17.49 20.68
C VAL C 99 -13.65 16.99 20.69
N VAL C 100 -12.80 17.61 19.87
CA VAL C 100 -11.37 17.33 19.87
C VAL C 100 -10.61 18.64 19.85
N PRO C 101 -10.51 19.27 21.03
CA PRO C 101 -9.95 20.59 21.05
C PRO C 101 -8.46 20.63 20.60
N LEU C 102 -7.73 19.52 20.75
CA LEU C 102 -6.31 19.49 20.37
C LEU C 102 -6.14 19.28 18.86
N LEU C 103 -7.23 19.19 18.13
CA LEU C 103 -7.16 18.98 16.66
C LEU C 103 -6.31 20.03 15.98
N SER C 104 -5.33 19.56 15.19
CA SER C 104 -4.43 20.44 14.51
C SER C 104 -4.44 20.34 12.97
N ALA C 105 -4.95 19.23 12.41
CA ALA C 105 -5.11 19.12 10.99
C ALA C 105 -6.10 18.05 10.61
N VAL C 106 -6.74 18.27 9.47
CA VAL C 106 -7.60 17.28 8.85
C VAL C 106 -7.14 17.12 7.42
N MET C 107 -6.80 15.90 7.04
CA MET C 107 -6.48 15.61 5.62
C MET C 107 -7.67 14.80 5.04
N VAL C 108 -8.08 15.12 3.81
CA VAL C 108 -9.02 14.29 3.06
C VAL C 108 -8.42 13.84 1.75
N LYS C 109 -8.50 12.54 1.48
CA LYS C 109 -8.03 11.97 0.19
C LYS C 109 -9.23 11.28 -0.51
N GLU C 110 -9.61 11.76 -1.69
CA GLU C 110 -10.68 11.12 -2.44
C GLU C 110 -10.18 9.86 -3.13
N THR C 111 -8.90 9.90 -3.53
CA THR C 111 -8.25 8.75 -4.13
C THR C 111 -6.89 8.59 -3.44
N CYS C 112 -6.18 7.50 -3.74
CA CYS C 112 -4.94 7.26 -3.00
C CYS C 112 -3.84 8.22 -3.43
N THR C 113 -4.02 8.92 -4.54
CA THR C 113 -2.99 9.76 -5.17
C THR C 113 -3.19 11.26 -5.04
N ALA C 114 -4.19 11.70 -4.30
CA ALA C 114 -4.41 13.14 -4.18
C ALA C 114 -5.07 13.44 -2.88
N GLY C 115 -4.94 14.68 -2.41
CA GLY C 115 -5.66 15.05 -1.22
C GLY C 115 -5.49 16.50 -0.85
N CYS C 116 -6.08 16.79 0.29
N CYS C 116 -6.12 16.88 0.25
CA CYS C 116 -6.19 18.13 0.82
CA CYS C 116 -5.83 18.17 0.77
C CYS C 116 -5.85 18.09 2.31
C CYS C 116 -5.80 18.11 2.26
N ILE C 117 -5.08 19.07 2.79
CA ILE C 117 -4.85 19.23 4.23
C ILE C 117 -5.29 20.61 4.69
N TYR C 118 -6.21 20.62 5.64
CA TYR C 118 -6.72 21.83 6.26
C TYR C 118 -6.20 21.94 7.70
N ARG C 119 -5.76 23.15 8.08
CA ARG C 119 -5.09 23.39 9.39
C ARG C 119 -5.75 24.52 10.18
N GLY C 120 -6.97 24.86 9.83
CA GLY C 120 -7.79 25.79 10.60
C GLY C 120 -7.55 27.17 10.03
N SER D 3 -5.79 29.69 4.40
CA SER D 3 -5.41 28.79 3.29
C SER D 3 -5.67 27.30 3.59
N THR D 4 -5.37 26.48 2.59
CA THR D 4 -5.55 25.03 2.64
C THR D 4 -4.36 24.54 1.80
N THR D 5 -4.01 23.27 1.91
CA THR D 5 -2.96 22.68 1.11
C THR D 5 -3.56 21.51 0.29
N LEU D 6 -3.15 21.40 -0.96
CA LEU D 6 -3.54 20.31 -1.85
C LEU D 6 -2.30 19.60 -2.30
N PHE D 7 -2.42 18.31 -2.58
CA PHE D 7 -1.26 17.59 -3.11
C PHE D 7 -1.72 16.56 -4.09
N LYS D 8 -0.82 16.19 -5.02
CA LYS D 8 -1.12 15.13 -5.96
C LYS D 8 0.18 14.39 -6.31
N ASP D 9 0.03 13.08 -6.41
CA ASP D 9 1.11 12.13 -6.61
C ASP D 9 1.18 11.60 -8.04
N PHE D 10 2.40 11.51 -8.56
CA PHE D 10 2.67 11.06 -9.93
C PHE D 10 3.79 10.03 -9.91
N THR D 11 3.71 8.99 -10.74
N THR D 11 3.70 8.94 -10.65
CA THR D 11 4.70 7.92 -10.71
CA THR D 11 4.82 8.00 -10.65
C THR D 11 5.32 7.79 -12.10
C THR D 11 5.35 7.97 -12.07
N PHE D 12 6.66 7.79 -12.18
CA PHE D 12 7.32 7.66 -13.47
C PHE D 12 8.42 6.62 -13.40
N GLU D 13 8.70 5.99 -14.54
CA GLU D 13 9.58 4.85 -14.62
C GLU D 13 10.81 5.25 -15.37
N ALA D 14 11.95 5.26 -14.69
CA ALA D 14 13.14 5.91 -15.28
C ALA D 14 14.42 5.24 -14.81
N ALA D 15 15.48 5.41 -15.62
CA ALA D 15 16.81 4.96 -15.29
C ALA D 15 17.59 6.16 -14.76
N HIS D 16 18.51 5.85 -13.87
CA HIS D 16 19.53 6.85 -13.42
C HIS D 16 20.80 6.17 -12.93
N ARG D 17 21.82 7.01 -12.69
CA ARG D 17 23.12 6.59 -12.22
C ARG D 17 23.76 7.78 -11.51
N LEU D 18 24.33 7.56 -10.34
CA LEU D 18 24.93 8.60 -9.54
C LEU D 18 26.45 8.63 -9.89
N PRO D 19 26.90 9.73 -10.48
CA PRO D 19 28.30 9.78 -11.05
C PRO D 19 29.38 10.05 -10.00
N HIS D 20 28.97 10.52 -8.82
CA HIS D 20 29.92 11.04 -7.83
C HIS D 20 30.05 10.17 -6.56
N VAL D 21 29.56 8.94 -6.61
CA VAL D 21 29.78 7.95 -5.55
C VAL D 21 31.06 7.17 -5.83
N PRO D 22 31.68 6.59 -4.79
CA PRO D 22 32.89 5.79 -4.98
C PRO D 22 32.69 4.59 -5.86
N GLU D 23 33.75 4.15 -6.52
CA GLU D 23 33.72 2.93 -7.28
C GLU D 23 33.25 1.81 -6.36
N GLY D 24 32.27 1.03 -6.81
CA GLY D 24 31.73 -0.06 -5.99
C GLY D 24 30.38 0.29 -5.35
N HIS D 25 30.08 1.58 -5.21
CA HIS D 25 28.81 1.98 -4.59
C HIS D 25 27.74 1.55 -5.55
N LYS D 26 26.68 0.92 -5.06
CA LYS D 26 25.62 0.37 -5.91
C LYS D 26 24.91 1.40 -6.77
N ALA D 27 24.84 2.65 -6.31
CA ALA D 27 24.09 3.73 -7.00
C ALA D 27 24.84 4.24 -8.19
N GLY D 28 26.12 3.90 -8.22
CA GLY D 28 27.00 4.25 -9.34
C GLY D 28 26.84 3.40 -10.58
N ARG D 29 26.17 2.25 -10.45
CA ARG D 29 25.89 1.41 -11.60
C ARG D 29 24.58 1.92 -12.25
N LEU D 30 24.47 1.79 -13.55
CA LEU D 30 23.24 2.09 -14.26
C LEU D 30 22.13 1.21 -13.70
N HIS D 31 21.10 1.90 -13.24
CA HIS D 31 19.92 1.24 -12.67
C HIS D 31 18.68 2.11 -12.86
N GLY D 32 17.60 1.80 -12.15
CA GLY D 32 16.41 2.60 -12.28
C GLY D 32 15.52 2.39 -11.06
N HIS D 33 14.41 3.10 -11.13
CA HIS D 33 13.35 3.01 -10.12
C HIS D 33 12.01 3.43 -10.68
N SER D 34 10.96 3.13 -9.92
CA SER D 34 9.65 3.70 -10.14
C SER D 34 9.52 4.89 -9.20
N PHE D 35 9.80 6.04 -9.74
CA PHE D 35 9.92 7.29 -8.97
C PHE D 35 8.54 7.82 -8.65
N MET D 36 8.35 8.34 -7.46
CA MET D 36 7.09 8.99 -7.12
C MET D 36 7.39 10.46 -6.89
N VAL D 37 6.55 11.33 -7.47
CA VAL D 37 6.67 12.76 -7.25
C VAL D 37 5.36 13.26 -6.64
N ARG D 38 5.45 13.96 -5.52
CA ARG D 38 4.28 14.60 -4.94
C ARG D 38 4.45 16.12 -5.14
N LEU D 39 3.46 16.75 -5.75
CA LEU D 39 3.40 18.22 -5.89
C LEU D 39 2.39 18.75 -4.87
N GLU D 40 2.82 19.69 -4.05
CA GLU D 40 1.99 20.31 -3.04
C GLU D 40 1.81 21.77 -3.35
N ILE D 41 0.58 22.24 -3.23
CA ILE D 41 0.29 23.65 -3.42
C ILE D 41 -0.48 24.17 -2.24
N THR D 42 -0.32 25.46 -2.01
CA THR D 42 -0.99 26.11 -0.87
C THR D 42 -1.60 27.40 -1.33
N GLY D 43 -2.84 27.61 -0.92
CA GLY D 43 -3.51 28.85 -1.29
C GLY D 43 -4.95 28.94 -0.86
N GLU D 44 -5.62 29.97 -1.40
CA GLU D 44 -7.01 30.28 -1.05
C GLU D 44 -7.96 29.43 -1.84
N VAL D 45 -8.98 28.95 -1.13
CA VAL D 45 -10.05 28.18 -1.75
C VAL D 45 -11.10 29.17 -2.28
N ASP D 46 -11.39 29.11 -3.56
CA ASP D 46 -12.37 29.99 -4.16
C ASP D 46 -13.73 29.65 -3.57
N PRO D 47 -14.49 30.67 -3.19
CA PRO D 47 -15.75 30.32 -2.55
C PRO D 47 -16.74 29.58 -3.46
N HIS D 48 -16.74 29.87 -4.74
CA HIS D 48 -17.64 29.23 -5.69
C HIS D 48 -17.18 27.86 -6.25
N THR D 49 -15.92 27.77 -6.67
CA THR D 49 -15.41 26.47 -7.10
C THR D 49 -15.28 25.47 -5.94
N GLY D 50 -14.97 25.96 -4.75
CA GLY D 50 -14.75 25.12 -3.57
C GLY D 50 -13.38 24.48 -3.62
N TRP D 51 -12.51 24.96 -4.50
CA TRP D 51 -11.19 24.38 -4.53
C TRP D 51 -10.09 25.44 -4.71
N ILE D 52 -8.85 25.00 -4.58
CA ILE D 52 -7.74 25.88 -4.90
C ILE D 52 -7.58 25.93 -6.40
N ILE D 53 -7.21 24.79 -6.99
CA ILE D 53 -7.26 24.56 -8.42
C ILE D 53 -7.69 23.12 -8.60
N ASP D 54 -8.25 22.79 -9.76
CA ASP D 54 -8.66 21.41 -10.02
C ASP D 54 -7.43 20.47 -10.01
N PHE D 55 -7.50 19.32 -9.32
CA PHE D 55 -6.42 18.33 -9.41
C PHE D 55 -5.97 18.11 -10.88
N ALA D 56 -6.93 18.07 -11.81
CA ALA D 56 -6.57 17.93 -13.22
C ALA D 56 -5.74 19.06 -13.78
N GLU D 57 -5.90 20.28 -13.29
CA GLU D 57 -5.15 21.44 -13.77
C GLU D 57 -3.69 21.29 -13.31
N LEU D 58 -3.51 20.77 -12.10
CA LEU D 58 -2.18 20.46 -11.58
C LEU D 58 -1.49 19.39 -12.42
N LYS D 59 -2.19 18.30 -12.70
CA LYS D 59 -1.66 17.27 -13.58
C LYS D 59 -1.29 17.84 -14.93
N ALA D 60 -2.17 18.63 -15.53
CA ALA D 60 -1.86 19.18 -16.85
C ALA D 60 -0.66 20.07 -16.82
N ALA D 61 -0.49 20.86 -15.76
CA ALA D 61 0.66 21.77 -15.66
C ALA D 61 1.98 21.01 -15.60
N PHE D 62 1.96 19.87 -14.89
CA PHE D 62 3.13 19.01 -14.75
C PHE D 62 3.46 18.17 -15.96
N LYS D 63 2.46 17.96 -16.82
CA LYS D 63 2.59 16.97 -17.88
C LYS D 63 3.87 17.15 -18.74
N PRO D 64 4.16 18.39 -19.17
CA PRO D 64 5.37 18.50 -19.99
C PRO D 64 6.65 17.99 -19.30
N THR D 65 6.76 18.29 -18.03
CA THR D 65 7.92 17.92 -17.25
C THR D 65 7.82 16.42 -17.02
N TYR D 66 6.63 15.94 -16.66
CA TYR D 66 6.47 14.50 -16.47
C TYR D 66 6.96 13.69 -17.67
N GLU D 67 6.60 14.12 -18.86
N GLU D 67 6.56 14.12 -18.86
CA GLU D 67 6.94 13.34 -20.05
CA GLU D 67 6.89 13.43 -20.10
C GLU D 67 8.40 13.41 -20.42
C GLU D 67 8.40 13.36 -20.31
N ARG D 68 9.12 14.40 -19.90
CA ARG D 68 10.63 14.36 -19.98
C ARG D 68 11.27 13.32 -19.07
N LEU D 69 10.66 13.07 -17.92
CA LEU D 69 11.15 12.12 -16.95
C LEU D 69 10.75 10.66 -17.22
N ASP D 70 9.49 10.41 -17.58
CA ASP D 70 8.95 9.07 -17.75
C ASP D 70 9.55 8.29 -18.91
N HIS D 71 9.98 7.07 -18.65
CA HIS D 71 10.53 6.16 -19.64
C HIS D 71 11.73 6.81 -20.28
N HIS D 72 12.53 7.46 -19.45
CA HIS D 72 13.79 8.08 -19.90
C HIS D 72 14.96 7.81 -18.95
N TYR D 73 16.17 8.16 -19.41
CA TYR D 73 17.38 8.06 -18.62
C TYR D 73 17.69 9.46 -18.11
N LEU D 74 17.55 9.65 -16.82
CA LEU D 74 17.65 11.00 -16.21
C LEU D 74 18.98 11.74 -16.48
N ASN D 75 20.06 10.98 -16.54
CA ASN D 75 21.40 11.60 -16.65
C ASN D 75 21.58 12.34 -17.98
N ASP D 76 20.77 11.98 -18.97
CA ASP D 76 20.71 12.68 -20.29
C ASP D 76 19.94 14.01 -20.29
N ILE D 77 19.29 14.36 -19.19
CA ILE D 77 18.56 15.58 -19.11
C ILE D 77 19.39 16.67 -18.49
N PRO D 78 19.61 17.80 -19.22
CA PRO D 78 20.39 18.88 -18.63
C PRO D 78 19.89 19.34 -17.25
N GLY D 79 20.78 19.35 -16.28
CA GLY D 79 20.44 19.69 -14.90
C GLY D 79 20.36 18.45 -14.02
N LEU D 80 20.21 17.29 -14.65
CA LEU D 80 20.12 16.03 -13.94
C LEU D 80 21.32 15.13 -14.15
N GLU D 81 22.46 15.75 -14.44
CA GLU D 81 23.68 14.98 -14.54
C GLU D 81 24.09 14.25 -13.24
N ASN D 82 23.60 14.74 -12.10
CA ASN D 82 23.81 14.06 -10.83
C ASN D 82 22.40 13.86 -10.23
N PRO D 83 21.72 12.81 -10.64
CA PRO D 83 20.26 12.76 -10.43
C PRO D 83 19.85 12.11 -9.09
N THR D 84 20.36 12.69 -8.01
CA THR D 84 19.96 12.32 -6.69
C THR D 84 18.53 12.77 -6.47
N SER D 85 17.91 12.21 -5.45
CA SER D 85 16.55 12.67 -5.02
C SER D 85 16.50 14.17 -4.72
N GLU D 86 17.51 14.64 -4.03
CA GLU D 86 17.65 16.03 -3.68
C GLU D 86 17.75 16.95 -4.87
N VAL D 87 18.60 16.57 -5.80
CA VAL D 87 18.75 17.33 -7.02
C VAL D 87 17.49 17.31 -7.86
N LEU D 88 16.87 16.15 -7.94
CA LEU D 88 15.70 15.96 -8.76
C LEU D 88 14.50 16.75 -8.18
N ALA D 89 14.35 16.76 -6.87
CA ALA D 89 13.25 17.53 -6.27
C ALA D 89 13.36 19.05 -6.51
N LYS D 90 14.56 19.59 -6.40
CA LYS D 90 14.82 20.98 -6.63
C LYS D 90 14.64 21.24 -8.15
N TRP D 91 15.11 20.31 -8.99
CA TRP D 91 14.97 20.50 -10.41
C TRP D 91 13.52 20.56 -10.82
N ILE D 92 12.72 19.61 -10.28
CA ILE D 92 11.26 19.64 -10.56
C ILE D 92 10.66 20.94 -10.07
N TRP D 93 11.00 21.41 -8.84
CA TRP D 93 10.52 22.72 -8.35
C TRP D 93 10.81 23.79 -9.39
N ASP D 94 12.07 23.83 -9.85
CA ASP D 94 12.49 24.91 -10.72
C ASP D 94 11.78 24.83 -12.07
N GLN D 95 11.43 23.62 -12.51
CA GLN D 95 10.67 23.46 -13.76
C GLN D 95 9.19 23.80 -13.59
N VAL D 96 8.62 23.50 -12.43
CA VAL D 96 7.19 23.56 -12.26
C VAL D 96 6.70 24.86 -11.64
N LYS D 97 7.52 25.50 -10.81
CA LYS D 97 7.11 26.72 -10.14
C LYS D 97 6.61 27.82 -11.08
N PRO D 98 7.28 28.02 -12.23
CA PRO D 98 6.73 28.97 -13.23
C PRO D 98 5.30 28.75 -13.71
N VAL D 99 4.87 27.50 -13.79
CA VAL D 99 3.51 27.19 -14.24
C VAL D 99 2.55 26.81 -13.13
N VAL D 100 3.02 26.74 -11.89
CA VAL D 100 2.19 26.45 -10.73
C VAL D 100 2.68 27.41 -9.66
N PRO D 101 2.22 28.66 -9.73
CA PRO D 101 2.75 29.64 -8.80
C PRO D 101 2.45 29.33 -7.32
N LEU D 102 1.45 28.50 -7.06
CA LEU D 102 1.09 28.18 -5.71
C LEU D 102 1.87 27.00 -5.14
N LEU D 103 2.78 26.46 -5.93
CA LEU D 103 3.57 25.31 -5.47
C LEU D 103 4.31 25.65 -4.17
N SER D 104 4.20 24.75 -3.21
CA SER D 104 4.78 24.95 -1.90
C SER D 104 5.80 23.88 -1.50
N ALA D 105 5.76 22.72 -2.15
CA ALA D 105 6.74 21.65 -1.85
C ALA D 105 6.70 20.63 -2.96
N VAL D 106 7.86 20.01 -3.20
CA VAL D 106 8.00 18.87 -4.12
C VAL D 106 8.65 17.73 -3.33
N MET D 107 8.03 16.55 -3.32
CA MET D 107 8.62 15.36 -2.78
C MET D 107 9.00 14.42 -3.93
N VAL D 108 10.18 13.78 -3.83
CA VAL D 108 10.59 12.72 -4.71
C VAL D 108 10.93 11.52 -3.89
N LYS D 109 10.33 10.38 -4.25
CA LYS D 109 10.65 9.07 -3.67
C LYS D 109 11.22 8.15 -4.75
N GLU D 110 12.45 7.69 -4.61
CA GLU D 110 12.97 6.69 -5.54
C GLU D 110 12.42 5.32 -5.22
N THR D 111 12.18 5.04 -3.93
CA THR D 111 11.59 3.76 -3.49
C THR D 111 10.44 4.09 -2.57
N CYS D 112 9.67 3.08 -2.21
CA CYS D 112 8.52 3.35 -1.35
C CYS D 112 8.88 3.78 0.04
N THR D 113 10.10 3.48 0.48
CA THR D 113 10.44 3.62 1.88
C THR D 113 11.39 4.81 2.15
N ALA D 114 11.56 5.71 1.22
CA ALA D 114 12.41 6.87 1.54
C ALA D 114 12.05 7.98 0.60
N GLY D 115 12.41 9.20 0.95
CA GLY D 115 12.19 10.29 0.05
C GLY D 115 12.87 11.57 0.46
N CYS D 116 12.68 12.56 -0.41
N CYS D 116 12.73 12.59 -0.40
CA CYS D 116 13.23 13.91 -0.28
CA CYS D 116 13.26 13.93 -0.15
C CYS D 116 12.04 14.86 -0.40
C CYS D 116 12.19 14.96 -0.49
N ILE D 117 12.02 15.92 0.42
CA ILE D 117 11.10 17.05 0.21
C ILE D 117 11.90 18.34 0.06
N TYR D 118 11.69 19.06 -1.06
CA TYR D 118 12.27 20.38 -1.27
C TYR D 118 11.19 21.45 -1.22
N ARG D 119 11.49 22.54 -0.54
CA ARG D 119 10.72 23.80 -0.55
C ARG D 119 11.64 24.90 -1.03
N GLY D 120 11.22 25.62 -2.07
CA GLY D 120 12.06 26.70 -2.66
C GLY D 120 11.72 28.11 -2.15
N GLU D 121 10.85 28.22 -1.14
CA GLU D 121 10.53 29.56 -0.61
C GLU D 121 10.18 29.42 0.86
N MET E 2 -16.00 -22.53 -14.66
CA MET E 2 -16.50 -21.21 -14.13
C MET E 2 -16.59 -21.28 -12.60
N SER E 3 -16.31 -20.18 -11.92
CA SER E 3 -16.44 -20.12 -10.48
C SER E 3 -16.38 -18.68 -10.03
N THR E 4 -16.98 -18.40 -8.88
CA THR E 4 -16.81 -17.09 -8.20
C THR E 4 -16.26 -17.28 -6.79
N THR E 5 -15.19 -16.54 -6.47
CA THR E 5 -14.63 -16.58 -5.16
C THR E 5 -14.70 -15.23 -4.54
N LEU E 6 -15.16 -15.15 -3.27
CA LEU E 6 -15.19 -13.91 -2.49
C LEU E 6 -14.03 -13.94 -1.52
N PHE E 7 -13.52 -12.78 -1.14
CA PHE E 7 -12.52 -12.72 -0.10
C PHE E 7 -12.63 -11.45 0.70
N LYS E 8 -12.24 -11.56 1.96
CA LYS E 8 -12.17 -10.41 2.84
C LYS E 8 -10.95 -10.49 3.73
N ASP E 9 -10.29 -9.34 3.93
CA ASP E 9 -9.03 -9.22 4.70
C ASP E 9 -9.29 -8.63 6.08
N PHE E 10 -8.61 -9.18 7.09
CA PHE E 10 -8.70 -8.76 8.49
C PHE E 10 -7.28 -8.56 9.00
N THR E 11 -7.06 -7.58 9.87
CA THR E 11 -5.77 -7.38 10.47
C THR E 11 -5.89 -7.49 11.98
N PHE E 12 -4.95 -8.20 12.56
CA PHE E 12 -4.92 -8.30 14.04
C PHE E 12 -3.52 -8.09 14.57
N GLU E 13 -3.44 -7.62 15.83
CA GLU E 13 -2.21 -7.18 16.42
C GLU E 13 -1.88 -8.17 17.53
N ALA E 14 -0.82 -8.96 17.37
CA ALA E 14 -0.50 -10.00 18.33
C ALA E 14 0.98 -10.20 18.58
N ALA E 15 1.26 -10.83 19.72
CA ALA E 15 2.56 -11.34 20.04
C ALA E 15 2.65 -12.86 19.81
N HIS E 16 3.84 -13.34 19.52
CA HIS E 16 4.15 -14.76 19.41
C HIS E 16 5.62 -15.01 19.55
N ARG E 17 5.96 -16.27 19.80
CA ARG E 17 7.37 -16.70 19.68
C ARG E 17 7.36 -18.13 19.19
N LEU E 18 8.42 -18.51 18.50
CA LEU E 18 8.49 -19.80 17.88
C LEU E 18 9.39 -20.67 18.78
N PRO E 19 8.81 -21.74 19.34
CA PRO E 19 9.58 -22.45 20.35
C PRO E 19 10.62 -23.43 19.83
N HIS E 20 10.60 -23.77 18.54
CA HIS E 20 11.41 -24.87 18.04
C HIS E 20 12.50 -24.41 17.09
N VAL E 21 12.76 -23.11 17.04
CA VAL E 21 13.85 -22.56 16.21
C VAL E 21 15.18 -22.69 16.97
N PRO E 22 16.32 -22.74 16.24
CA PRO E 22 17.61 -22.81 16.95
C PRO E 22 17.83 -21.69 17.95
N GLU E 23 18.70 -21.98 18.93
CA GLU E 23 18.96 -21.10 20.07
C GLU E 23 18.84 -19.59 19.76
N GLY E 24 19.73 -19.02 18.97
CA GLY E 24 19.75 -17.55 18.74
C GLY E 24 18.91 -17.01 17.59
N HIS E 25 17.99 -17.81 17.06
CA HIS E 25 17.12 -17.36 15.99
C HIS E 25 16.20 -16.24 16.52
N LYS E 26 16.12 -15.14 15.79
CA LYS E 26 15.31 -13.98 16.21
C LYS E 26 13.84 -14.36 16.50
N ALA E 27 13.29 -15.33 15.78
CA ALA E 27 11.87 -15.64 15.93
C ALA E 27 11.60 -16.40 17.23
N GLY E 28 12.67 -16.92 17.84
CA GLY E 28 12.56 -17.55 19.15
C GLY E 28 12.43 -16.59 20.32
N ARG E 29 12.67 -15.31 20.11
CA ARG E 29 12.48 -14.26 21.12
C ARG E 29 11.00 -13.83 21.10
N LEU E 30 10.49 -13.38 22.23
CA LEU E 30 9.16 -12.82 22.29
C LEU E 30 9.12 -11.58 21.39
N HIS E 31 8.18 -11.56 20.47
CA HIS E 31 7.99 -10.40 19.59
C HIS E 31 6.54 -10.37 19.11
N GLY E 32 6.26 -9.66 18.04
CA GLY E 32 4.91 -9.60 17.53
C GLY E 32 4.88 -9.05 16.12
N HIS E 33 3.67 -8.98 15.61
CA HIS E 33 3.38 -8.55 14.25
C HIS E 33 1.99 -7.97 14.14
N SER E 34 1.78 -7.20 13.09
CA SER E 34 0.47 -6.90 12.57
C SER E 34 0.09 -7.95 11.55
N PHE E 35 -0.63 -8.97 11.96
CA PHE E 35 -0.95 -10.09 11.13
C PHE E 35 -2.11 -9.74 10.19
N MET E 36 -2.11 -10.26 8.97
CA MET E 36 -3.25 -10.06 8.06
C MET E 36 -3.80 -11.42 7.74
N VAL E 37 -5.12 -11.58 7.77
CA VAL E 37 -5.80 -12.86 7.44
C VAL E 37 -6.74 -12.53 6.29
N ARG E 38 -6.65 -13.29 5.23
CA ARG E 38 -7.63 -13.24 4.17
C ARG E 38 -8.41 -14.52 4.18
N LEU E 39 -9.74 -14.41 4.25
CA LEU E 39 -10.61 -15.56 4.17
C LEU E 39 -11.20 -15.57 2.77
N GLU E 40 -11.13 -16.71 2.06
CA GLU E 40 -11.72 -16.83 0.71
C GLU E 40 -12.78 -17.92 0.71
N ILE E 41 -13.89 -17.62 0.01
N ILE E 41 -13.92 -17.65 0.08
CA ILE E 41 -15.07 -18.45 -0.07
CA ILE E 41 -15.02 -18.62 -0.01
C ILE E 41 -15.30 -18.71 -1.56
C ILE E 41 -15.50 -18.67 -1.46
N THR E 42 -15.81 -19.88 -1.92
CA THR E 42 -16.12 -20.11 -3.32
C THR E 42 -17.45 -20.84 -3.35
N GLY E 43 -18.34 -20.41 -4.23
CA GLY E 43 -19.68 -21.01 -4.24
C GLY E 43 -20.61 -20.29 -5.19
N GLU E 44 -21.86 -20.74 -5.23
CA GLU E 44 -22.86 -20.17 -6.14
C GLU E 44 -23.24 -18.77 -5.70
N VAL E 45 -23.40 -17.87 -6.66
CA VAL E 45 -23.91 -16.57 -6.31
C VAL E 45 -25.42 -16.58 -6.57
N ASP E 46 -26.17 -16.19 -5.57
CA ASP E 46 -27.61 -16.24 -5.64
C ASP E 46 -28.12 -15.25 -6.70
N PRO E 47 -29.06 -15.66 -7.58
CA PRO E 47 -29.54 -14.72 -8.61
C PRO E 47 -30.31 -13.53 -8.05
N HIS E 48 -30.87 -13.67 -6.86
CA HIS E 48 -31.57 -12.57 -6.24
C HIS E 48 -30.67 -11.58 -5.44
N THR E 49 -29.91 -12.10 -4.47
CA THR E 49 -29.04 -11.29 -3.67
C THR E 49 -27.87 -10.74 -4.51
N GLY E 50 -27.49 -11.51 -5.55
CA GLY E 50 -26.31 -11.20 -6.38
C GLY E 50 -24.99 -11.39 -5.65
N TRP E 51 -25.01 -12.14 -4.56
CA TRP E 51 -23.79 -12.43 -3.87
C TRP E 51 -23.73 -13.86 -3.38
N ILE E 52 -22.55 -14.27 -2.92
CA ILE E 52 -22.42 -15.58 -2.31
C ILE E 52 -22.95 -15.45 -0.90
N ILE E 53 -22.27 -14.65 -0.08
CA ILE E 53 -22.80 -14.17 1.18
C ILE E 53 -22.31 -12.76 1.37
N ASP E 54 -23.02 -12.00 2.20
CA ASP E 54 -22.62 -10.62 2.50
C ASP E 54 -21.24 -10.62 3.11
N PHE E 55 -20.35 -9.74 2.64
CA PHE E 55 -19.07 -9.50 3.35
C PHE E 55 -19.27 -9.39 4.85
N ALA E 56 -20.36 -8.73 5.26
CA ALA E 56 -20.60 -8.50 6.67
C ALA E 56 -20.87 -9.82 7.41
N GLU E 57 -21.47 -10.80 6.73
CA GLU E 57 -21.73 -12.11 7.33
C GLU E 57 -20.45 -12.92 7.51
N LEU E 58 -19.54 -12.78 6.56
CA LEU E 58 -18.23 -13.41 6.69
C LEU E 58 -17.47 -12.79 7.86
N LYS E 59 -17.46 -11.47 7.95
CA LYS E 59 -16.92 -10.77 9.13
C LYS E 59 -17.51 -11.29 10.44
N ALA E 60 -18.83 -11.32 10.54
CA ALA E 60 -19.53 -11.87 11.70
C ALA E 60 -19.12 -13.31 12.01
N ALA E 61 -18.95 -14.16 10.99
CA ALA E 61 -18.61 -15.56 11.21
C ALA E 61 -17.22 -15.74 11.81
N PHE E 62 -16.32 -14.87 11.39
CA PHE E 62 -14.93 -14.87 11.85
C PHE E 62 -14.75 -14.16 13.19
N LYS E 63 -15.70 -13.33 13.63
CA LYS E 63 -15.47 -12.45 14.75
C LYS E 63 -15.03 -13.18 16.03
N PRO E 64 -15.65 -14.32 16.40
CA PRO E 64 -15.22 -14.99 17.63
C PRO E 64 -13.75 -15.38 17.62
N THR E 65 -13.30 -15.90 16.49
CA THR E 65 -11.91 -16.35 16.34
C THR E 65 -11.00 -15.11 16.30
N TYR E 66 -11.42 -14.08 15.56
CA TYR E 66 -10.70 -12.82 15.49
C TYR E 66 -10.42 -12.23 16.85
N GLU E 67 -11.44 -12.25 17.73
CA GLU E 67 -11.28 -11.67 19.07
C GLU E 67 -10.34 -12.50 19.97
N ARG E 68 -10.20 -13.80 19.71
CA ARG E 68 -9.19 -14.59 20.39
C ARG E 68 -7.77 -14.29 19.99
N LEU E 69 -7.61 -13.87 18.74
CA LEU E 69 -6.30 -13.57 18.17
C LEU E 69 -5.86 -12.14 18.44
N ASP E 70 -6.76 -11.18 18.24
CA ASP E 70 -6.40 -9.80 18.29
C ASP E 70 -6.05 -9.33 19.71
N HIS E 71 -4.97 -8.59 19.80
CA HIS E 71 -4.42 -8.10 21.06
C HIS E 71 -4.18 -9.22 22.07
N HIS E 72 -3.67 -10.36 21.59
CA HIS E 72 -3.33 -11.49 22.45
C HIS E 72 -1.94 -12.04 22.13
N TYR E 73 -1.50 -12.94 23.00
CA TYR E 73 -0.29 -13.69 22.85
C TYR E 73 -0.65 -15.05 22.33
N LEU E 74 -0.29 -15.32 21.08
CA LEU E 74 -0.80 -16.54 20.39
C LEU E 74 -0.43 -17.88 21.07
N ASN E 75 0.73 -17.96 21.70
CA ASN E 75 1.26 -19.23 22.22
C ASN E 75 0.37 -19.77 23.35
N ASP E 76 -0.30 -18.85 24.01
CA ASP E 76 -1.28 -19.16 25.08
C ASP E 76 -2.56 -19.84 24.59
N ILE E 77 -2.85 -19.79 23.29
CA ILE E 77 -4.09 -20.34 22.75
C ILE E 77 -3.90 -21.82 22.42
N PRO E 78 -4.77 -22.71 22.93
CA PRO E 78 -4.59 -24.10 22.54
C PRO E 78 -4.65 -24.35 21.02
N GLY E 79 -3.65 -25.08 20.55
CA GLY E 79 -3.43 -25.30 19.14
C GLY E 79 -2.37 -24.41 18.52
N LEU E 80 -1.95 -23.36 19.22
CA LEU E 80 -1.01 -22.36 18.68
C LEU E 80 0.25 -22.30 19.51
N GLU E 81 0.57 -23.44 20.14
CA GLU E 81 1.77 -23.56 20.94
C GLU E 81 3.04 -23.37 20.05
N ASN E 82 2.89 -23.62 18.75
CA ASN E 82 3.97 -23.41 17.76
C ASN E 82 3.35 -22.51 16.69
N PRO E 83 3.28 -21.21 16.95
CA PRO E 83 2.39 -20.34 16.15
C PRO E 83 3.11 -19.75 14.90
N THR E 84 3.54 -20.65 14.04
CA THR E 84 4.04 -20.27 12.72
C THR E 84 2.87 -19.84 11.86
N SER E 85 3.18 -19.16 10.77
CA SER E 85 2.17 -18.77 9.78
C SER E 85 1.40 -19.98 9.28
N GLU E 86 2.14 -21.07 9.03
CA GLU E 86 1.55 -22.27 8.50
C GLU E 86 0.56 -22.91 9.46
N VAL E 87 0.99 -23.00 10.73
CA VAL E 87 0.15 -23.55 11.80
C VAL E 87 -1.05 -22.65 12.04
N LEU E 88 -0.83 -21.34 12.07
CA LEU E 88 -1.94 -20.39 12.26
C LEU E 88 -2.99 -20.44 11.15
N ALA E 89 -2.54 -20.54 9.90
CA ALA E 89 -3.48 -20.59 8.79
C ALA E 89 -4.36 -21.85 8.85
N LYS E 90 -3.74 -22.99 9.20
N LYS E 90 -3.80 -23.00 9.21
CA LYS E 90 -4.44 -24.25 9.39
CA LYS E 90 -4.60 -24.20 9.31
C LYS E 90 -5.43 -24.07 10.52
C LYS E 90 -5.47 -24.12 10.56
N TRP E 91 -4.96 -23.52 11.63
CA TRP E 91 -5.79 -23.35 12.84
C TRP E 91 -7.02 -22.50 12.52
N ILE E 92 -6.81 -21.37 11.82
CA ILE E 92 -7.92 -20.50 11.43
C ILE E 92 -8.93 -21.26 10.56
N TRP E 93 -8.44 -22.01 9.57
CA TRP E 93 -9.27 -22.85 8.77
C TRP E 93 -10.09 -23.80 9.63
N ASP E 94 -9.43 -24.47 10.56
CA ASP E 94 -10.14 -25.43 11.44
C ASP E 94 -11.20 -24.77 12.31
N GLN E 95 -11.01 -23.51 12.70
CA GLN E 95 -12.07 -22.81 13.43
C GLN E 95 -13.21 -22.32 12.58
N VAL E 96 -12.89 -21.87 11.38
CA VAL E 96 -13.84 -21.21 10.52
C VAL E 96 -14.59 -22.14 9.57
N LYS E 97 -13.95 -23.18 9.08
CA LYS E 97 -14.63 -24.08 8.15
C LYS E 97 -15.96 -24.63 8.66
N PRO E 98 -16.06 -24.91 9.96
CA PRO E 98 -17.34 -25.47 10.37
C PRO E 98 -18.45 -24.44 10.29
N VAL E 99 -18.12 -23.14 10.41
CA VAL E 99 -19.11 -22.09 10.37
C VAL E 99 -19.38 -21.62 8.92
N VAL E 100 -18.37 -21.79 8.06
CA VAL E 100 -18.41 -21.29 6.69
C VAL E 100 -17.98 -22.41 5.76
N PRO E 101 -18.91 -23.32 5.42
CA PRO E 101 -18.48 -24.47 4.68
C PRO E 101 -17.95 -24.21 3.30
N LEU E 102 -18.23 -23.03 2.75
CA LEU E 102 -17.76 -22.70 1.44
C LEU E 102 -16.33 -22.13 1.49
N LEU E 103 -15.72 -22.07 2.67
CA LEU E 103 -14.32 -21.61 2.80
C LEU E 103 -13.41 -22.45 1.89
N SER E 104 -12.62 -21.75 1.10
CA SER E 104 -11.72 -22.37 0.17
C SER E 104 -10.23 -22.06 0.35
N ALA E 105 -9.91 -20.97 1.05
CA ALA E 105 -8.54 -20.71 1.41
C ALA E 105 -8.45 -19.79 2.63
N VAL E 106 -7.34 -19.91 3.36
CA VAL E 106 -7.00 -18.96 4.41
C VAL E 106 -5.56 -18.54 4.12
N MET E 107 -5.35 -17.23 3.97
CA MET E 107 -4.01 -16.66 3.83
C MET E 107 -3.68 -15.97 5.15
N VAL E 108 -2.49 -16.21 5.67
CA VAL E 108 -1.96 -15.44 6.80
C VAL E 108 -0.65 -14.74 6.33
N LYS E 109 -0.56 -13.42 6.54
CA LYS E 109 0.68 -12.68 6.37
C LYS E 109 1.14 -12.18 7.72
N GLU E 110 2.34 -12.58 8.15
CA GLU E 110 2.94 -12.04 9.39
C GLU E 110 3.51 -10.68 9.17
N THR E 111 4.07 -10.45 7.98
CA THR E 111 4.47 -9.14 7.58
C THR E 111 3.89 -8.83 6.19
N CYS E 112 4.08 -7.59 5.74
CA CYS E 112 3.59 -7.17 4.44
C CYS E 112 4.27 -7.92 3.30
N THR E 113 5.40 -8.53 3.56
CA THR E 113 6.16 -9.24 2.50
C THR E 113 6.26 -10.76 2.63
N ALA E 114 5.61 -11.37 3.63
CA ALA E 114 5.81 -12.85 3.87
C ALA E 114 4.49 -13.48 4.32
N GLY E 115 4.13 -14.60 3.73
CA GLY E 115 2.80 -15.15 3.98
C GLY E 115 2.65 -16.61 3.61
N CYS E 116 1.53 -17.18 3.99
N CYS E 116 1.53 -17.16 4.05
CA CYS E 116 1.24 -18.52 3.56
CA CYS E 116 1.16 -18.57 3.86
C CYS E 116 -0.23 -18.70 3.36
C CYS E 116 -0.26 -18.61 3.29
N ILE E 117 -0.56 -19.59 2.43
CA ILE E 117 -1.94 -19.84 2.00
C ILE E 117 -2.24 -21.32 2.22
N TYR E 118 -3.31 -21.57 2.95
CA TYR E 118 -3.71 -22.92 3.28
C TYR E 118 -5.07 -23.18 2.64
N ARG E 119 -5.21 -24.36 2.02
CA ARG E 119 -6.40 -24.68 1.19
C ARG E 119 -7.10 -25.98 1.54
N GLY E 120 -6.84 -26.49 2.74
CA GLY E 120 -7.54 -27.61 3.30
C GLY E 120 -6.69 -28.86 3.32
N GLU E 121 -7.21 -29.90 3.99
CA GLU E 121 -6.46 -31.14 4.27
C GLU E 121 -6.73 -32.21 3.23
N MET F 1 10.01 27.24 5.16
CA MET F 1 11.12 28.07 4.61
C MET F 1 11.90 27.24 3.59
N MET F 2 12.73 27.89 2.79
CA MET F 2 13.53 27.20 1.77
C MET F 2 14.36 26.12 2.48
N SER F 3 14.28 24.87 2.01
CA SER F 3 14.86 23.78 2.73
C SER F 3 14.81 22.49 1.93
N THR F 4 15.72 21.57 2.26
CA THR F 4 15.65 20.19 1.78
C THR F 4 15.62 19.25 3.00
N THR F 5 14.71 18.31 2.97
CA THR F 5 14.48 17.32 4.03
C THR F 5 14.57 15.94 3.42
N LEU F 6 15.12 14.98 4.15
CA LEU F 6 15.11 13.57 3.75
C LEU F 6 14.37 12.77 4.80
N PHE F 7 13.76 11.69 4.35
CA PHE F 7 13.27 10.71 5.30
C PHE F 7 13.45 9.30 4.81
N LYS F 8 13.53 8.39 5.77
CA LYS F 8 13.61 6.97 5.49
C LYS F 8 12.81 6.19 6.53
N ASP F 9 12.16 5.11 6.03
CA ASP F 9 11.23 4.30 6.80
C ASP F 9 11.83 2.93 7.09
N PHE F 10 11.62 2.46 8.32
CA PHE F 10 12.08 1.17 8.79
C PHE F 10 10.95 0.46 9.51
N THR F 11 10.81 -0.84 9.33
CA THR F 11 9.75 -1.55 10.05
C THR F 11 10.39 -2.58 10.94
N PHE F 12 9.85 -2.74 12.15
CA PHE F 12 10.37 -3.75 13.09
C PHE F 12 9.19 -4.47 13.67
N GLU F 13 9.44 -5.71 14.09
CA GLU F 13 8.37 -6.57 14.56
C GLU F 13 8.59 -6.79 16.05
N ALA F 14 7.66 -6.33 16.89
CA ALA F 14 7.95 -6.35 18.33
C ALA F 14 6.69 -6.60 19.13
N ALA F 15 6.89 -7.09 20.36
CA ALA F 15 5.78 -7.19 21.33
C ALA F 15 5.80 -5.98 22.26
N HIS F 16 4.63 -5.59 22.77
CA HIS F 16 4.57 -4.59 23.84
C HIS F 16 3.26 -4.78 24.60
N ARG F 17 3.16 -4.10 25.73
CA ARG F 17 1.97 -4.11 26.56
C ARG F 17 1.95 -2.76 27.28
N LEU F 18 0.80 -2.13 27.44
CA LEU F 18 0.73 -0.82 28.13
C LEU F 18 0.34 -1.13 29.59
N PRO F 19 1.23 -0.76 30.51
CA PRO F 19 1.02 -1.13 31.93
C PRO F 19 0.04 -0.23 32.69
N HIS F 20 -0.28 0.95 32.17
CA HIS F 20 -1.11 1.97 32.87
C HIS F 20 -2.50 2.18 32.30
N VAL F 21 -3.02 1.20 31.59
CA VAL F 21 -4.39 1.26 31.15
C VAL F 21 -5.25 0.47 32.10
N PRO F 22 -6.53 0.81 32.20
CA PRO F 22 -7.40 0.08 33.10
C PRO F 22 -7.48 -1.41 32.77
N GLU F 23 -7.63 -2.22 33.82
CA GLU F 23 -7.96 -3.63 33.66
C GLU F 23 -9.00 -3.85 32.57
N GLY F 24 -8.69 -4.74 31.61
CA GLY F 24 -9.62 -5.04 30.51
C GLY F 24 -9.33 -4.34 29.19
N HIS F 25 -8.63 -3.20 29.24
CA HIS F 25 -8.27 -2.46 28.04
C HIS F 25 -7.37 -3.40 27.21
N LYS F 26 -7.70 -3.52 25.91
CA LYS F 26 -7.03 -4.46 25.01
C LYS F 26 -5.51 -4.20 24.95
N ALA F 27 -5.12 -2.93 25.02
CA ALA F 27 -3.71 -2.54 24.96
C ALA F 27 -2.92 -3.03 26.16
N GLY F 28 -3.64 -3.37 27.24
CA GLY F 28 -2.96 -3.94 28.42
C GLY F 28 -2.65 -5.41 28.45
N ARG F 29 -3.07 -6.13 27.41
CA ARG F 29 -2.75 -7.53 27.25
C ARG F 29 -1.44 -7.59 26.44
N LEU F 30 -0.61 -8.59 26.70
CA LEU F 30 0.56 -8.78 25.89
C LEU F 30 0.12 -8.94 24.43
N HIS F 31 0.72 -8.14 23.55
CA HIS F 31 0.38 -8.24 22.12
C HIS F 31 1.56 -7.71 21.35
N GLY F 32 1.36 -7.34 20.09
CA GLY F 32 2.48 -6.84 19.30
C GLY F 32 1.97 -6.15 18.06
N HIS F 33 2.95 -5.69 17.27
CA HIS F 33 2.71 -4.88 16.06
C HIS F 33 3.93 -5.01 15.13
N SER F 34 3.65 -4.71 13.85
CA SER F 34 4.68 -4.41 12.87
C SER F 34 4.81 -2.89 12.93
N PHE F 35 5.78 -2.38 13.69
CA PHE F 35 5.93 -0.95 13.91
C PHE F 35 6.70 -0.34 12.75
N MET F 36 6.33 0.87 12.34
CA MET F 36 7.09 1.58 11.31
C MET F 36 7.67 2.84 11.97
N VAL F 37 8.97 3.07 11.75
CA VAL F 37 9.64 4.24 12.21
C VAL F 37 10.16 5.03 11.03
N ARG F 38 9.81 6.29 10.96
CA ARG F 38 10.38 7.15 9.93
C ARG F 38 11.32 8.12 10.58
N LEU F 39 12.54 8.20 10.08
CA LEU F 39 13.49 9.24 10.51
C LEU F 39 13.51 10.32 9.46
N GLU F 40 13.34 11.55 9.90
CA GLU F 40 13.45 12.73 9.04
C GLU F 40 14.70 13.52 9.43
N ILE F 41 15.45 13.94 8.44
CA ILE F 41 16.61 14.81 8.66
C ILE F 41 16.49 16.07 7.75
N THR F 42 17.12 17.17 8.15
CA THR F 42 17.15 18.36 7.32
C THR F 42 18.55 18.94 7.33
N GLY F 43 19.03 19.34 6.13
CA GLY F 43 20.34 19.92 6.04
C GLY F 43 20.65 20.43 4.65
N GLU F 44 21.88 20.93 4.46
CA GLU F 44 22.25 21.45 3.13
C GLU F 44 22.69 20.26 2.27
N VAL F 45 22.41 20.40 0.99
CA VAL F 45 22.80 19.41 0.00
C VAL F 45 24.21 19.75 -0.42
N ASP F 46 25.10 18.79 -0.33
CA ASP F 46 26.50 19.01 -0.72
C ASP F 46 26.59 19.09 -2.25
N PRO F 47 27.33 20.10 -2.79
CA PRO F 47 27.33 20.26 -4.27
C PRO F 47 28.04 19.15 -5.05
N HIS F 48 28.98 18.49 -4.42
CA HIS F 48 29.60 17.32 -5.01
C HIS F 48 28.80 16.01 -4.94
N THR F 49 28.35 15.63 -3.73
CA THR F 49 27.61 14.38 -3.63
C THR F 49 26.17 14.49 -4.19
N GLY F 50 25.63 15.71 -4.19
CA GLY F 50 24.25 15.96 -4.54
C GLY F 50 23.28 15.50 -3.48
N TRP F 51 23.77 15.19 -2.28
CA TRP F 51 22.86 14.70 -1.23
C TRP F 51 23.17 15.32 0.14
N ILE F 52 22.24 15.15 1.09
CA ILE F 52 22.45 15.60 2.43
C ILE F 52 23.36 14.59 3.11
N ILE F 53 22.87 13.36 3.24
CA ILE F 53 23.68 12.20 3.59
C ILE F 53 23.08 11.03 2.83
N ASP F 54 23.88 10.00 2.57
CA ASP F 54 23.42 8.83 1.84
C ASP F 54 22.30 8.17 2.66
N PHE F 55 21.20 7.79 2.02
CA PHE F 55 20.22 6.92 2.68
C PHE F 55 20.87 5.74 3.40
N ALA F 56 21.92 5.11 2.84
CA ALA F 56 22.58 4.01 3.51
C ALA F 56 23.27 4.39 4.82
N GLU F 57 23.78 5.62 4.89
CA GLU F 57 24.43 6.19 6.08
C GLU F 57 23.35 6.37 7.19
N LEU F 58 22.16 6.85 6.83
CA LEU F 58 21.09 6.98 7.81
C LEU F 58 20.70 5.59 8.32
N LYS F 59 20.54 4.62 7.42
CA LYS F 59 20.25 3.23 7.84
C LYS F 59 21.32 2.70 8.81
N ALA F 60 22.58 2.89 8.42
CA ALA F 60 23.67 2.43 9.29
C ALA F 60 23.71 3.05 10.65
N ALA F 61 23.39 4.34 10.75
CA ALA F 61 23.43 5.09 11.98
C ALA F 61 22.33 4.56 12.91
N PHE F 62 21.19 4.23 12.32
CA PHE F 62 20.05 3.68 13.08
C PHE F 62 20.17 2.21 13.48
N LYS F 63 21.02 1.41 12.81
CA LYS F 63 21.01 -0.03 12.97
C LYS F 63 21.13 -0.49 14.45
N PRO F 64 22.02 0.13 15.25
CA PRO F 64 22.14 -0.38 16.64
C PRO F 64 20.83 -0.27 17.38
N THR F 65 20.12 0.85 17.19
CA THR F 65 18.83 1.07 17.88
C THR F 65 17.77 0.16 17.30
N TYR F 66 17.71 0.06 15.97
CA TYR F 66 16.84 -0.88 15.29
C TYR F 66 16.96 -2.29 15.79
N GLU F 67 18.21 -2.74 15.98
CA GLU F 67 18.44 -4.10 16.46
C GLU F 67 17.93 -4.31 17.90
N ARG F 68 17.95 -3.27 18.72
CA ARG F 68 17.33 -3.39 20.09
C ARG F 68 15.82 -3.56 20.08
N LEU F 69 15.21 -2.99 19.07
CA LEU F 69 13.76 -2.99 18.93
C LEU F 69 13.21 -4.21 18.21
N ASP F 70 13.85 -4.64 17.12
CA ASP F 70 13.29 -5.65 16.25
C ASP F 70 13.35 -7.04 16.87
N HIS F 71 12.26 -7.78 16.79
CA HIS F 71 12.15 -9.13 17.35
C HIS F 71 12.46 -9.14 18.84
N HIS F 72 11.99 -8.09 19.49
CA HIS F 72 12.10 -7.94 20.98
C HIS F 72 10.79 -7.51 21.61
N TYR F 73 10.74 -7.67 22.93
CA TYR F 73 9.62 -7.20 23.79
C TYR F 73 10.02 -5.86 24.33
N LEU F 74 9.35 -4.81 23.88
CA LEU F 74 9.77 -3.46 24.22
C LEU F 74 9.81 -3.15 25.74
N ASN F 75 8.86 -3.72 26.47
CA ASN F 75 8.78 -3.40 27.90
C ASN F 75 10.04 -3.74 28.66
N ASP F 76 10.83 -4.64 28.13
CA ASP F 76 12.06 -5.06 28.83
C ASP F 76 13.25 -4.12 28.52
N ILE F 77 13.08 -3.11 27.66
CA ILE F 77 14.13 -2.16 27.36
C ILE F 77 14.02 -0.93 28.25
N PRO F 78 15.13 -0.54 28.98
CA PRO F 78 14.96 0.57 29.89
C PRO F 78 14.56 1.83 29.16
N GLY F 79 13.60 2.56 29.71
CA GLY F 79 13.00 3.69 29.05
C GLY F 79 11.71 3.36 28.34
N LEU F 80 11.47 2.09 28.07
CA LEU F 80 10.25 1.68 27.33
C LEU F 80 9.31 0.83 28.16
N GLU F 81 9.35 1.04 29.48
CA GLU F 81 8.41 0.36 30.40
C GLU F 81 6.96 0.73 30.18
N ASN F 82 6.70 1.90 29.59
CA ASN F 82 5.38 2.30 29.13
C ASN F 82 5.47 2.61 27.63
N PRO F 83 5.47 1.55 26.82
CA PRO F 83 5.85 1.74 25.43
C PRO F 83 4.70 2.19 24.48
N THR F 84 4.11 3.35 24.77
CA THR F 84 3.24 4.02 23.85
C THR F 84 4.01 4.47 22.59
N SER F 85 3.24 4.75 21.55
CA SER F 85 3.82 5.40 20.36
C SER F 85 4.54 6.70 20.75
N GLU F 86 3.91 7.51 21.59
CA GLU F 86 4.48 8.78 22.03
C GLU F 86 5.84 8.63 22.76
N VAL F 87 5.89 7.73 23.71
CA VAL F 87 7.05 7.42 24.49
C VAL F 87 8.15 6.86 23.54
N LEU F 88 7.74 5.92 22.67
CA LEU F 88 8.70 5.28 21.76
C LEU F 88 9.31 6.29 20.78
N ALA F 89 8.52 7.19 20.24
CA ALA F 89 9.03 8.17 19.28
C ALA F 89 10.08 9.04 19.94
N LYS F 90 9.80 9.52 21.17
CA LYS F 90 10.78 10.30 21.93
C LYS F 90 11.98 9.50 22.30
N TRP F 91 11.83 8.24 22.69
CA TRP F 91 12.95 7.40 23.05
C TRP F 91 13.85 7.20 21.85
N ILE F 92 13.22 6.99 20.70
CA ILE F 92 14.03 6.84 19.47
C ILE F 92 14.80 8.15 19.18
N TRP F 93 14.15 9.29 19.23
CA TRP F 93 14.83 10.59 19.11
C TRP F 93 16.04 10.64 20.05
N ASP F 94 15.84 10.28 21.31
CA ASP F 94 16.95 10.39 22.27
C ASP F 94 18.13 9.47 21.94
N GLN F 95 17.85 8.29 21.36
CA GLN F 95 18.88 7.34 20.98
C GLN F 95 19.58 7.78 19.72
N VAL F 96 18.82 8.40 18.79
CA VAL F 96 19.35 8.60 17.42
C VAL F 96 19.95 9.98 17.20
N LYS F 97 19.39 10.99 17.83
CA LYS F 97 19.85 12.34 17.64
C LYS F 97 21.37 12.49 17.86
N PRO F 98 21.93 11.80 18.88
CA PRO F 98 23.39 11.88 19.02
C PRO F 98 24.21 11.39 17.83
N VAL F 99 23.72 10.38 17.12
CA VAL F 99 24.42 9.81 15.95
C VAL F 99 23.95 10.30 14.56
N VAL F 100 22.83 11.01 14.55
CA VAL F 100 22.29 11.66 13.36
C VAL F 100 22.00 13.08 13.74
N PRO F 101 23.03 13.94 13.71
CA PRO F 101 22.82 15.29 14.22
C PRO F 101 21.84 16.14 13.43
N LEU F 102 21.59 15.79 12.16
CA LEU F 102 20.62 16.47 11.34
C LEU F 102 19.16 15.99 11.55
N LEU F 103 18.97 15.05 12.45
CA LEU F 103 17.63 14.52 12.76
C LEU F 103 16.70 15.65 13.15
N SER F 104 15.54 15.71 12.51
CA SER F 104 14.54 16.75 12.70
C SER F 104 13.20 16.17 13.22
N ALA F 105 12.88 14.92 12.94
CA ALA F 105 11.65 14.30 13.47
C ALA F 105 11.73 12.83 13.45
N VAL F 106 10.94 12.20 14.32
CA VAL F 106 10.75 10.78 14.33
C VAL F 106 9.28 10.46 14.34
N MET F 107 8.85 9.61 13.40
CA MET F 107 7.46 9.10 13.39
C MET F 107 7.48 7.65 13.75
N VAL F 108 6.53 7.25 14.63
CA VAL F 108 6.24 5.86 14.90
C VAL F 108 4.80 5.56 14.51
N LYS F 109 4.59 4.49 13.75
CA LYS F 109 3.23 3.94 13.52
C LYS F 109 3.14 2.56 14.09
N GLU F 110 2.22 2.32 15.02
CA GLU F 110 1.99 0.95 15.51
C GLU F 110 1.19 0.14 14.58
N THR F 111 0.26 0.78 13.87
CA THR F 111 -0.47 0.09 12.81
C THR F 111 -0.40 0.99 11.57
N CYS F 112 -0.89 0.49 10.44
N CYS F 112 -0.86 0.52 10.42
CA CYS F 112 -0.87 1.26 9.21
CA CYS F 112 -0.78 1.37 9.22
C CYS F 112 -1.71 2.55 9.29
C CYS F 112 -1.76 2.56 9.25
N THR F 113 -2.64 2.62 10.24
CA THR F 113 -3.61 3.72 10.35
C THR F 113 -3.50 4.66 11.57
N ALA F 114 -2.46 4.50 12.38
CA ALA F 114 -2.39 5.27 13.67
C ALA F 114 -0.95 5.42 14.07
N GLY F 115 -0.58 6.67 14.36
CA GLY F 115 0.83 6.90 14.75
C GLY F 115 1.09 8.24 15.37
N CYS F 116 2.37 8.54 15.57
N CYS F 116 2.34 8.55 15.62
CA CYS F 116 2.81 9.70 16.36
CA CYS F 116 2.64 9.88 16.05
C CYS F 116 4.08 10.30 15.74
C CYS F 116 3.94 10.35 15.48
N ILE F 117 4.14 11.62 15.62
CA ILE F 117 5.39 12.29 15.22
C ILE F 117 5.94 13.15 16.35
N TYR F 118 7.21 12.92 16.66
CA TYR F 118 7.95 13.73 17.63
C TYR F 118 8.92 14.59 16.88
N ARG F 119 8.86 15.90 17.09
CA ARG F 119 9.91 16.81 16.62
C ARG F 119 10.65 17.35 17.81
N GLY F 120 11.98 17.21 17.89
CA GLY F 120 12.73 17.74 19.03
C GLY F 120 13.45 19.07 18.71
ZN ZN G . -21.06 -0.50 -1.81
O17 ZSP H . -20.69 -6.52 -3.39
C16 ZSP H . -20.82 -7.16 -2.32
C08 ZSP H . -21.14 -6.47 -1.17
N07 ZSP H . -21.25 -5.13 -1.19
C06 ZSP H . -21.53 -4.43 -0.06
C04 ZSP H . -21.51 -2.96 -0.23
C02 ZSP H . -21.28 -2.15 0.77
O03 ZSP H . -21.12 -0.88 0.43
C01 ZSP H . -21.25 -2.51 2.22
O05 ZSP H . -21.39 -2.40 -1.42
C11 ZSP H . -21.75 -5.13 1.26
N10 ZSP H . -21.59 -6.56 1.16
C09 ZSP H . -21.32 -7.18 -0.01
N12 ZSP H . -21.16 -8.50 -0.02
C13 ZSP H . -20.86 -9.17 -1.14
N14 ZSP H . -20.75 -10.49 -1.08
N15 ZSP H . -20.73 -8.50 -2.31
C ACT I . -0.54 2.78 -17.45
O ACT I . -0.31 1.57 -17.68
OXT ACT I . -1.71 3.20 -17.34
CH3 ACT I . 0.61 3.72 -17.33
ZN ZN J . 9.94 -1.19 -18.57
O17 ZSP K . 7.27 -6.71 -19.60
C16 ZSP K . 6.23 -6.43 -20.24
C08 ZSP K . 5.99 -5.15 -20.67
N07 ZSP K . 6.88 -4.17 -20.32
C06 ZSP K . 6.63 -2.92 -20.72
C04 ZSP K . 7.57 -1.89 -20.20
C02 ZSP K . 7.25 -0.61 -20.04
O03 ZSP K . 8.13 0.11 -19.41
C01 ZSP K . 6.07 0.13 -20.61
O05 ZSP K . 8.63 -2.31 -19.52
C11 ZSP K . 5.40 -2.55 -21.49
N10 ZSP K . 4.54 -3.68 -21.77
C09 ZSP K . 4.83 -4.89 -21.38
N12 ZSP K . 3.95 -5.91 -21.64
C13 ZSP K . 4.22 -7.12 -21.21
N14 ZSP K . 3.35 -8.11 -21.54
N15 ZSP K . 5.36 -7.41 -20.56
C ACT L . 13.14 -9.49 6.45
O ACT L . 13.26 -10.51 5.77
OXT ACT L . 12.44 -8.57 6.04
CH3 ACT L . 13.85 -9.33 7.77
ZN ZN M . -15.14 12.89 -6.92
O17 ZSP N . -12.21 17.77 -4.45
C16 ZSP N . -11.50 18.19 -5.42
C08 ZSP N . -11.59 17.62 -6.67
N07 ZSP N . -12.43 16.56 -6.86
C06 ZSP N . -12.55 16.00 -8.07
C04 ZSP N . -13.41 14.82 -8.15
C02 ZSP N . -13.28 13.90 -9.10
O03 ZSP N . -14.01 12.85 -8.94
C01 ZSP N . -12.46 14.00 -10.34
O05 ZSP N . -14.14 14.51 -7.09
C11 ZSP N . -11.74 16.48 -9.24
N10 ZSP N . -10.83 17.57 -8.92
C09 ZSP N . -10.77 18.10 -7.71
N12 ZSP N . -9.91 19.14 -7.51
C13 ZSP N . -9.82 19.64 -6.28
N14 ZSP N . -8.96 20.67 -6.11
N15 ZSP N . -10.63 19.21 -5.27
C ACT O . -9.35 0.78 14.84
O ACT O . -9.32 -0.40 15.15
OXT ACT O . -8.76 1.60 15.56
CH3 ACT O . -10.07 1.26 13.62
ZN ZN P . 18.99 5.00 -7.63
O17 ZSP Q . 19.14 10.20 -4.14
C16 ZSP Q . 19.66 9.79 -3.07
C08 ZSP Q . 20.19 8.54 -2.99
N07 ZSP Q . 20.08 7.67 -4.03
C06 ZSP Q . 20.55 6.45 -3.95
C04 ZSP Q . 20.25 5.57 -5.09
C02 ZSP Q . 20.26 4.25 -5.02
O03 ZSP Q . 19.80 3.66 -6.11
C01 ZSP Q . 20.74 3.40 -3.88
O05 ZSP Q . 19.72 6.10 -6.15
C11 ZSP Q . 21.21 5.95 -2.69
N10 ZSP Q . 21.30 6.95 -1.67
C09 ZSP Q . 20.79 8.14 -1.81
N12 ZSP Q . 20.87 8.98 -0.75
C13 ZSP Q . 20.40 10.22 -0.89
N14 ZSP Q . 20.49 11.05 0.13
N15 ZSP Q . 19.84 10.65 -2.05
C ACT R . -5.38 10.93 -12.58
O ACT R . -4.29 10.73 -13.16
OXT ACT R . -5.60 12.01 -12.01
CH3 ACT R . -6.44 9.88 -12.56
ZN ZN S . 7.25 -13.71 14.20
O17 ZSP T . 5.75 -18.47 10.41
C16 ZSP T . 6.86 -18.63 9.80
C08 ZSP T . 7.99 -17.89 10.11
N07 ZSP T . 8.01 -16.94 11.10
C06 ZSP T . 9.12 -16.30 11.39
C04 ZSP T . 8.95 -15.21 12.33
C02 ZSP T . 9.71 -14.12 12.37
O03 ZSP T . 9.22 -13.16 13.15
C01 ZSP T . 10.99 -13.90 11.63
O05 ZSP T . 7.79 -15.13 12.95
C11 ZSP T . 10.39 -16.49 10.61
N10 ZSP T . 10.30 -17.51 9.60
C09 ZSP T . 9.15 -18.14 9.37
N12 ZSP T . 9.15 -19.08 8.39
C13 ZSP T . 8.03 -19.74 8.10
N14 ZSP T . 8.05 -20.66 7.12
N15 ZSP T . 6.92 -19.52 8.80
C ACT U . -15.68 -3.29 7.79
O ACT U . -14.85 -3.67 8.64
OXT ACT U . -15.99 -4.04 6.83
CH3 ACT U . -16.32 -1.95 7.99
ZN ZN V . -0.24 -2.00 20.98
O17 ZSP W . 0.64 4.09 21.83
C16 ZSP W . -0.55 4.57 21.91
C08 ZSP W . -1.60 3.68 21.91
N07 ZSP W . -1.41 2.36 21.83
C06 ZSP W . -2.45 1.49 21.88
C04 ZSP W . -2.13 0.08 21.64
C02 ZSP W . -2.95 -0.82 21.15
O03 ZSP W . -2.33 -1.95 20.81
C01 ZSP W . -4.44 -0.70 21.03
O05 ZSP W . -0.88 -0.24 21.51
C11 ZSP W . -3.85 1.99 21.99
N10 ZSP W . -3.94 3.44 22.06
C09 ZSP W . -2.88 4.22 22.02
N12 ZSP W . -3.07 5.55 22.07
C13 ZSP W . -2.03 6.39 22.01
N14 ZSP W . -2.24 7.72 22.07
N15 ZSP W . -0.80 5.89 21.97
#